data_5I2C
#
_entry.id   5I2C
#
_cell.length_a   91.393
_cell.length_b   82.601
_cell.length_c   96.666
_cell.angle_alpha   90.00
_cell.angle_beta   116.23
_cell.angle_gamma   90.00
#
_symmetry.space_group_name_H-M   'P 1 21 1'
#
loop_
_entity.id
_entity.type
_entity.pdbx_description
1 polymer 'GATS-like protein 3'
2 non-polymer ARGININE
3 non-polymer 'ACETATE ION'
4 water water
#
_entity_poly.entity_id   1
_entity_poly.type   'polypeptide(L)'
_entity_poly.pdbx_seq_one_letter_code
;MELHILEHRVRVLSVARPGLWLYTHPLIKLLFLPRRSRCKFFSLTETPEDYTLMVDEEGFKELPPSEFLQVAEATWLVLN
VSSHSGAAVQAAGVTKIARSVIAPLAEHHVSVLMLSTYQTDFILVREQDLSVVIHTLAQEFDIYREVGGEPVPVTRDDSS
NGFPRTQHGPSPTVHPIQSPQNRFCVLTLDPETLPAIATTLIDVLFYSHSTPKEAASSSPEPSSITFFAFSLIEGYISIV
MDAETQKKFPSDLLLTSSSGELWRMVRIGGQPLGFDECGIVAQIAGPLAAADISAYYISTFNFDHALVPEDGIGSVIEVL
QRRQEGLAS
;
_entity_poly.pdbx_strand_id   A,B,C,D
#
# COMPACT_ATOMS: atom_id res chain seq x y z
N MET A 1 -26.28 6.45 -26.81
CA MET A 1 -26.16 6.94 -28.18
C MET A 1 -24.91 6.40 -28.90
N GLU A 2 -23.80 6.20 -28.18
CA GLU A 2 -22.68 5.43 -28.73
C GLU A 2 -22.70 4.00 -28.19
N LEU A 3 -22.35 3.06 -29.05
CA LEU A 3 -22.13 1.68 -28.64
C LEU A 3 -20.72 1.31 -29.06
N HIS A 4 -19.96 0.69 -28.16
CA HIS A 4 -18.56 0.40 -28.45
C HIS A 4 -18.34 -1.09 -28.45
N ILE A 5 -17.71 -1.60 -29.49
CA ILE A 5 -17.27 -2.99 -29.54
C ILE A 5 -15.84 -3.04 -29.05
N LEU A 6 -15.62 -3.70 -27.92
CA LEU A 6 -14.33 -3.61 -27.29
C LEU A 6 -13.34 -4.58 -27.93
N GLU A 7 -12.07 -4.39 -27.59
CA GLU A 7 -10.96 -5.16 -28.13
C GLU A 7 -10.67 -6.37 -27.23
N HIS A 8 -11.69 -7.21 -27.06
CA HIS A 8 -11.53 -8.45 -26.32
C HIS A 8 -12.22 -9.58 -27.08
N ARG A 9 -11.53 -10.72 -27.19
CA ARG A 9 -12.11 -11.96 -27.67
C ARG A 9 -12.12 -12.92 -26.50
N VAL A 10 -13.30 -13.31 -26.04
CA VAL A 10 -13.47 -13.89 -24.70
C VAL A 10 -13.93 -15.34 -24.79
N ARG A 11 -13.39 -16.19 -23.92
CA ARG A 11 -13.89 -17.55 -23.73
C ARG A 11 -14.57 -17.62 -22.37
N VAL A 12 -15.58 -18.48 -22.27
CA VAL A 12 -16.41 -18.60 -21.07
C VAL A 12 -16.26 -20.02 -20.55
N LEU A 13 -15.86 -20.16 -19.28
CA LEU A 13 -15.46 -21.45 -18.73
C LEU A 13 -16.04 -21.60 -17.34
N SER A 14 -16.05 -22.85 -16.88
CA SER A 14 -16.47 -23.14 -15.52
C SER A 14 -15.54 -24.19 -14.92
N VAL A 15 -14.99 -23.87 -13.74
CA VAL A 15 -14.27 -24.84 -12.92
C VAL A 15 -15.25 -25.31 -11.85
N ALA A 16 -15.66 -26.57 -11.94
CA ALA A 16 -16.51 -27.17 -10.91
C ALA A 16 -15.82 -27.07 -9.56
N ARG A 17 -16.58 -26.68 -8.54
CA ARG A 17 -15.98 -26.46 -7.22
C ARG A 17 -15.05 -27.57 -6.77
N PRO A 18 -15.39 -28.86 -6.94
CA PRO A 18 -14.45 -29.92 -6.47
C PRO A 18 -13.12 -29.96 -7.21
N GLY A 19 -13.00 -29.31 -8.37
CA GLY A 19 -11.76 -29.26 -9.12
C GLY A 19 -10.93 -28.01 -8.92
N LEU A 20 -11.36 -27.11 -8.02
CA LEU A 20 -10.70 -25.82 -7.88
C LEU A 20 -9.20 -25.96 -7.58
N TRP A 21 -8.83 -26.89 -6.71
CA TRP A 21 -7.41 -26.98 -6.35
C TRP A 21 -6.54 -27.27 -7.58
N LEU A 22 -7.09 -27.94 -8.59
CA LEU A 22 -6.31 -28.20 -9.80
C LEU A 22 -6.05 -26.93 -10.60
N TYR A 23 -6.86 -25.89 -10.40
CA TYR A 23 -6.74 -24.65 -11.16
C TYR A 23 -6.27 -23.48 -10.31
N THR A 24 -5.81 -23.75 -9.09
CA THR A 24 -5.35 -22.65 -8.25
C THR A 24 -4.13 -21.96 -8.86
N HIS A 25 -3.20 -22.74 -9.42
CA HIS A 25 -2.00 -22.14 -10.00
C HIS A 25 -2.32 -21.15 -11.13
N PRO A 26 -3.11 -21.50 -12.15
CA PRO A 26 -3.42 -20.47 -13.17
C PRO A 26 -4.29 -19.35 -12.64
N LEU A 27 -5.23 -19.63 -11.72
CA LEU A 27 -6.11 -18.56 -11.27
C LEU A 27 -5.34 -17.52 -10.46
N ILE A 28 -4.44 -17.97 -9.59
CA ILE A 28 -3.61 -17.03 -8.83
C ILE A 28 -2.78 -16.17 -9.78
N LYS A 29 -2.25 -16.77 -10.85
CA LYS A 29 -1.48 -16.00 -11.81
C LYS A 29 -2.35 -14.91 -12.45
N LEU A 30 -3.56 -15.29 -12.87
CA LEU A 30 -4.41 -14.33 -13.57
C LEU A 30 -4.91 -13.23 -12.63
N LEU A 31 -5.09 -13.57 -11.34
CA LEU A 31 -5.56 -12.58 -10.37
C LEU A 31 -4.48 -11.56 -10.00
N PHE A 32 -3.23 -11.99 -9.80
CA PHE A 32 -2.26 -11.19 -9.06
C PHE A 32 -0.96 -10.89 -9.78
N LEU A 33 -0.65 -11.54 -10.90
CA LEU A 33 0.67 -11.45 -11.52
C LEU A 33 0.53 -10.94 -12.95
N PRO A 34 0.24 -9.65 -13.12
CA PRO A 34 0.00 -9.13 -14.47
C PRO A 34 1.22 -9.27 -15.38
N ARG A 35 2.43 -9.20 -14.84
CA ARG A 35 3.61 -9.36 -15.68
C ARG A 35 3.76 -10.78 -16.24
N ARG A 36 2.94 -11.73 -15.78
CA ARG A 36 3.08 -13.13 -16.15
C ARG A 36 2.14 -13.57 -17.26
N SER A 37 1.27 -12.68 -17.73
CA SER A 37 0.33 -13.02 -18.79
C SER A 37 0.03 -11.76 -19.60
N ARG A 38 -0.35 -11.96 -20.85
CA ARG A 38 -0.86 -10.87 -21.67
C ARG A 38 -2.36 -10.67 -21.49
N CYS A 39 -2.97 -11.34 -20.51
CA CYS A 39 -4.42 -11.24 -20.33
C CYS A 39 -4.81 -9.82 -19.94
N LYS A 40 -5.80 -9.26 -20.64
CA LYS A 40 -6.35 -7.94 -20.35
C LYS A 40 -7.82 -7.99 -19.95
N PHE A 41 -8.43 -9.17 -19.89
CA PHE A 41 -9.84 -9.31 -19.56
C PHE A 41 -9.97 -10.56 -18.72
N PHE A 42 -10.29 -10.39 -17.44
CA PHE A 42 -10.38 -11.51 -16.51
C PHE A 42 -11.54 -11.27 -15.56
N SER A 43 -12.52 -12.17 -15.59
CA SER A 43 -13.66 -12.13 -14.68
C SER A 43 -13.80 -13.48 -14.03
N LEU A 44 -13.81 -13.50 -12.70
CA LEU A 44 -13.97 -14.75 -11.95
C LEU A 44 -15.17 -14.55 -11.04
N THR A 45 -16.16 -15.44 -11.16
CA THR A 45 -17.32 -15.40 -10.28
C THR A 45 -17.45 -16.74 -9.56
N GLU A 46 -17.35 -16.69 -8.24
CA GLU A 46 -17.55 -17.86 -7.40
C GLU A 46 -19.04 -17.98 -7.11
N THR A 47 -19.58 -19.20 -7.30
CA THR A 47 -20.95 -19.52 -6.95
C THR A 47 -20.90 -20.74 -6.03
N PRO A 48 -22.01 -21.22 -5.48
CA PRO A 48 -21.92 -22.46 -4.71
C PRO A 48 -21.43 -23.61 -5.57
N GLU A 49 -21.75 -23.60 -6.87
CA GLU A 49 -21.48 -24.76 -7.73
C GLU A 49 -20.15 -24.71 -8.44
N ASP A 50 -19.59 -23.53 -8.68
CA ASP A 50 -18.47 -23.47 -9.62
C ASP A 50 -17.76 -22.12 -9.48
N TYR A 51 -16.67 -22.01 -10.23
CA TYR A 51 -15.99 -20.75 -10.48
C TYR A 51 -16.14 -20.50 -11.98
N THR A 52 -16.95 -19.51 -12.33
CA THR A 52 -17.09 -19.14 -13.74
C THR A 52 -16.02 -18.13 -14.10
N LEU A 53 -15.35 -18.38 -15.22
CA LEU A 53 -14.31 -17.51 -15.73
C LEU A 53 -14.74 -16.98 -17.10
N MET A 54 -14.60 -15.68 -17.29
CA MET A 54 -14.63 -15.09 -18.63
C MET A 54 -13.27 -14.46 -18.85
N VAL A 55 -12.54 -14.97 -19.82
CA VAL A 55 -11.14 -14.62 -19.95
C VAL A 55 -10.82 -14.44 -21.41
N ASP A 56 -9.95 -13.46 -21.72
CA ASP A 56 -9.62 -13.30 -23.12
C ASP A 56 -8.76 -14.48 -23.60
N GLU A 57 -8.52 -14.50 -24.91
CA GLU A 57 -7.84 -15.65 -25.49
C GLU A 57 -6.46 -15.89 -24.89
N GLU A 58 -5.75 -14.83 -24.47
CA GLU A 58 -4.45 -15.04 -23.84
C GLU A 58 -4.59 -15.70 -22.48
N GLY A 59 -5.56 -15.27 -21.68
CA GLY A 59 -5.76 -15.90 -20.39
C GLY A 59 -6.22 -17.34 -20.53
N PHE A 60 -6.95 -17.63 -21.59
CA PHE A 60 -7.50 -18.97 -21.80
C PHE A 60 -6.40 -20.02 -21.93
N LYS A 61 -5.24 -19.67 -22.50
CA LYS A 61 -4.15 -20.64 -22.66
C LYS A 61 -3.58 -21.12 -21.33
N GLU A 62 -3.89 -20.44 -20.23
CA GLU A 62 -3.40 -20.82 -18.91
C GLU A 62 -4.19 -21.96 -18.30
N LEU A 63 -5.33 -22.32 -18.87
CA LEU A 63 -6.28 -23.24 -18.25
C LEU A 63 -6.35 -24.56 -19.02
N PRO A 64 -5.62 -25.60 -18.61
CA PRO A 64 -5.60 -26.85 -19.36
C PRO A 64 -6.86 -27.65 -19.12
N PRO A 65 -7.26 -28.51 -20.06
CA PRO A 65 -8.52 -29.24 -19.93
C PRO A 65 -8.49 -30.27 -18.80
N SER A 66 -9.69 -30.63 -18.35
CA SER A 66 -9.86 -31.70 -17.37
C SER A 66 -11.35 -31.97 -17.23
N GLU A 67 -11.67 -33.02 -16.49
CA GLU A 67 -13.07 -33.37 -16.24
C GLU A 67 -13.82 -32.28 -15.48
N PHE A 68 -13.11 -31.42 -14.74
CA PHE A 68 -13.78 -30.39 -13.95
C PHE A 68 -13.88 -29.06 -14.68
N LEU A 69 -13.40 -28.96 -15.91
CA LEU A 69 -13.40 -27.71 -16.65
C LEU A 69 -14.38 -27.82 -17.82
N GLN A 70 -15.38 -26.98 -17.83
CA GLN A 70 -16.32 -26.87 -18.93
C GLN A 70 -16.04 -25.58 -19.68
N VAL A 71 -16.03 -25.65 -21.02
CA VAL A 71 -15.78 -24.49 -21.87
C VAL A 71 -16.96 -24.32 -22.82
N ALA A 72 -17.54 -23.14 -22.86
CA ALA A 72 -18.64 -22.86 -23.79
C ALA A 72 -18.10 -22.83 -25.21
N GLU A 73 -18.98 -23.18 -26.15
CA GLU A 73 -18.55 -23.37 -27.55
C GLU A 73 -17.92 -22.11 -28.14
N ALA A 74 -18.49 -20.95 -27.88
CA ALA A 74 -18.18 -19.85 -28.79
C ALA A 74 -17.04 -18.97 -28.30
N THR A 75 -16.51 -18.14 -29.21
CA THR A 75 -15.69 -17.00 -28.83
C THR A 75 -16.58 -15.75 -28.82
N TRP A 76 -16.54 -15.00 -27.72
CA TRP A 76 -17.48 -13.94 -27.43
C TRP A 76 -16.83 -12.57 -27.61
N LEU A 77 -17.59 -11.62 -28.17
CA LEU A 77 -17.17 -10.24 -28.27
C LEU A 77 -17.87 -9.46 -27.18
N VAL A 78 -17.34 -8.30 -26.85
CA VAL A 78 -17.79 -7.53 -25.68
C VAL A 78 -18.30 -6.19 -26.14
N LEU A 79 -19.55 -5.88 -25.79
CA LEU A 79 -20.18 -4.60 -26.14
C LEU A 79 -20.32 -3.75 -24.90
N ASN A 80 -20.30 -2.43 -25.09
CA ASN A 80 -20.49 -1.52 -23.97
C ASN A 80 -21.21 -0.27 -24.45
N VAL A 81 -22.18 0.19 -23.67
CA VAL A 81 -22.86 1.46 -23.94
C VAL A 81 -22.58 2.40 -22.77
N SER A 82 -21.98 3.55 -23.07
CA SER A 82 -21.73 4.57 -22.06
C SER A 82 -22.90 5.54 -22.07
N SER A 83 -23.68 5.55 -21.00
CA SER A 83 -24.84 6.45 -20.89
C SER A 83 -24.89 7.00 -19.46
N HIS A 84 -24.57 8.29 -19.31
CA HIS A 84 -24.51 8.89 -17.98
C HIS A 84 -25.33 10.18 -17.87
N GLN A 90 -33.39 8.09 -13.75
CA GLN A 90 -33.93 6.77 -14.04
C GLN A 90 -33.07 5.68 -13.40
N ALA A 91 -33.48 4.43 -13.60
CA ALA A 91 -32.79 3.31 -12.99
C ALA A 91 -31.46 3.05 -13.69
N ALA A 92 -30.51 2.49 -12.93
CA ALA A 92 -29.15 2.26 -13.38
C ALA A 92 -28.97 0.83 -13.88
N GLY A 93 -27.78 0.56 -14.42
CA GLY A 93 -27.42 -0.80 -14.76
C GLY A 93 -28.08 -1.27 -16.06
N VAL A 94 -28.35 -2.57 -16.12
CA VAL A 94 -28.88 -3.14 -17.36
C VAL A 94 -30.28 -2.60 -17.64
N THR A 95 -30.97 -2.11 -16.61
CA THR A 95 -32.28 -1.50 -16.80
C THR A 95 -32.24 -0.38 -17.83
N LYS A 96 -31.12 0.34 -17.90
CA LYS A 96 -31.05 1.48 -18.79
C LYS A 96 -30.99 1.06 -20.25
N ILE A 97 -30.56 -0.17 -20.54
CA ILE A 97 -30.44 -0.64 -21.92
C ILE A 97 -31.42 -1.75 -22.21
N ALA A 98 -32.44 -1.93 -21.36
CA ALA A 98 -33.39 -3.00 -21.58
C ALA A 98 -34.10 -2.83 -22.92
N ARG A 99 -34.57 -1.63 -23.20
CA ARG A 99 -35.33 -1.39 -24.42
C ARG A 99 -34.47 -1.15 -25.64
N SER A 100 -33.29 -0.56 -25.43
CA SER A 100 -32.46 -0.14 -26.56
C SER A 100 -31.52 -1.25 -27.02
N VAL A 101 -31.09 -2.15 -26.13
CA VAL A 101 -30.14 -3.20 -26.48
C VAL A 101 -30.70 -4.60 -26.20
N ILE A 102 -31.13 -4.85 -24.96
CA ILE A 102 -31.46 -6.21 -24.55
C ILE A 102 -32.64 -6.76 -25.35
N ALA A 103 -33.74 -6.01 -25.37
CA ALA A 103 -34.92 -6.53 -26.06
C ALA A 103 -34.67 -6.66 -27.56
N PRO A 104 -34.07 -5.68 -28.25
CA PRO A 104 -33.82 -5.89 -29.68
C PRO A 104 -32.92 -7.08 -29.96
N LEU A 105 -31.88 -7.30 -29.15
CA LEU A 105 -31.02 -8.43 -29.45
C LEU A 105 -31.78 -9.74 -29.27
N ALA A 106 -32.65 -9.82 -28.26
CA ALA A 106 -33.40 -11.05 -28.03
C ALA A 106 -34.43 -11.26 -29.14
N GLU A 107 -35.02 -10.17 -29.63
CA GLU A 107 -35.99 -10.28 -30.71
C GLU A 107 -35.34 -10.75 -32.00
N HIS A 108 -34.04 -10.50 -32.17
CA HIS A 108 -33.28 -10.93 -33.33
C HIS A 108 -32.43 -12.16 -33.06
N HIS A 109 -32.77 -12.91 -32.00
CA HIS A 109 -32.21 -14.23 -31.73
C HIS A 109 -30.70 -14.18 -31.55
N VAL A 110 -30.22 -13.12 -30.91
CA VAL A 110 -28.82 -13.00 -30.52
C VAL A 110 -28.76 -13.32 -29.03
N SER A 111 -28.12 -14.44 -28.68
CA SER A 111 -27.96 -14.82 -27.29
C SER A 111 -26.84 -14.01 -26.64
N VAL A 112 -27.07 -13.53 -25.41
CA VAL A 112 -26.10 -12.66 -24.74
C VAL A 112 -25.61 -13.32 -23.45
N LEU A 113 -24.50 -12.80 -22.93
CA LEU A 113 -24.09 -12.97 -21.53
C LEU A 113 -23.84 -11.59 -20.95
N MET A 114 -24.27 -11.35 -19.71
CA MET A 114 -24.10 -10.04 -19.10
C MET A 114 -22.97 -10.07 -18.09
N LEU A 115 -22.22 -8.98 -18.02
CA LEU A 115 -21.24 -8.81 -16.95
C LEU A 115 -21.29 -7.36 -16.49
N SER A 116 -22.13 -7.08 -15.51
CA SER A 116 -22.05 -5.78 -14.84
C SER A 116 -20.82 -5.73 -13.95
N THR A 117 -20.14 -4.59 -13.95
CA THR A 117 -19.03 -4.36 -13.05
C THR A 117 -19.24 -3.02 -12.36
N TYR A 118 -18.39 -2.77 -11.36
CA TYR A 118 -18.39 -1.48 -10.71
C TYR A 118 -18.36 -0.36 -11.74
N GLN A 119 -17.60 -0.56 -12.83
CA GLN A 119 -17.37 0.54 -13.76
C GLN A 119 -18.49 0.68 -14.78
N THR A 120 -19.00 -0.44 -15.30
CA THR A 120 -19.90 -0.38 -16.45
C THR A 120 -20.54 -1.75 -16.68
N ASP A 121 -21.48 -1.78 -17.62
CA ASP A 121 -22.21 -2.99 -17.95
C ASP A 121 -21.71 -3.52 -19.29
N PHE A 122 -21.13 -4.72 -19.27
CA PHE A 122 -20.68 -5.37 -20.50
C PHE A 122 -21.74 -6.33 -20.99
N ILE A 123 -21.95 -6.34 -22.31
CA ILE A 123 -22.81 -7.31 -22.97
C ILE A 123 -21.94 -8.15 -23.88
N LEU A 124 -21.92 -9.46 -23.66
CA LEU A 124 -21.14 -10.35 -24.51
C LEU A 124 -22.06 -11.02 -25.51
N VAL A 125 -21.58 -11.13 -26.74
CA VAL A 125 -22.30 -11.80 -27.82
C VAL A 125 -21.31 -12.70 -28.55
N ARG A 126 -21.83 -13.74 -29.18
CA ARG A 126 -20.95 -14.63 -29.92
C ARG A 126 -20.45 -13.95 -31.18
N GLU A 127 -19.18 -14.20 -31.53
CA GLU A 127 -18.59 -13.46 -32.64
C GLU A 127 -19.36 -13.68 -33.94
N GLN A 128 -19.96 -14.86 -34.12
CA GLN A 128 -20.66 -15.12 -35.36
C GLN A 128 -21.96 -14.32 -35.48
N ASP A 129 -22.41 -13.70 -34.39
CA ASP A 129 -23.60 -12.88 -34.43
C ASP A 129 -23.31 -11.40 -34.66
N LEU A 130 -22.04 -11.03 -34.85
CA LEU A 130 -21.69 -9.62 -34.86
C LEU A 130 -22.45 -8.86 -35.95
N SER A 131 -22.61 -9.44 -37.14
CA SER A 131 -23.29 -8.73 -38.22
C SER A 131 -24.73 -8.43 -37.85
N VAL A 132 -25.43 -9.39 -37.26
CA VAL A 132 -26.80 -9.15 -36.83
C VAL A 132 -26.83 -8.11 -35.73
N VAL A 133 -25.89 -8.17 -34.78
CA VAL A 133 -25.83 -7.16 -33.73
C VAL A 133 -25.71 -5.76 -34.33
N ILE A 134 -24.78 -5.59 -35.28
CA ILE A 134 -24.55 -4.27 -35.85
C ILE A 134 -25.80 -3.79 -36.59
N HIS A 135 -26.41 -4.68 -37.37
CA HIS A 135 -27.58 -4.28 -38.15
C HIS A 135 -28.76 -3.95 -37.25
N THR A 136 -28.88 -4.65 -36.13
CA THR A 136 -29.99 -4.44 -35.20
C THR A 136 -29.82 -3.13 -34.44
N LEU A 137 -28.60 -2.81 -34.02
CA LEU A 137 -28.39 -1.68 -33.12
C LEU A 137 -27.92 -0.40 -33.83
N ALA A 138 -27.60 -0.45 -35.12
CA ALA A 138 -27.08 0.72 -35.82
C ALA A 138 -28.11 1.84 -36.00
N GLN A 139 -29.42 1.53 -35.89
CA GLN A 139 -30.41 2.59 -36.03
C GLN A 139 -30.39 3.52 -34.81
N GLU A 140 -30.24 2.95 -33.62
CA GLU A 140 -30.31 3.72 -32.39
C GLU A 140 -28.94 4.19 -31.90
N PHE A 141 -27.88 3.47 -32.21
CA PHE A 141 -26.56 3.75 -31.67
C PHE A 141 -25.60 4.10 -32.79
N ASP A 142 -24.69 5.04 -32.52
CA ASP A 142 -23.53 5.24 -33.38
C ASP A 142 -22.49 4.24 -32.91
N ILE A 143 -22.08 3.33 -33.79
CA ILE A 143 -21.30 2.17 -33.39
C ILE A 143 -19.83 2.41 -33.68
N TYR A 144 -18.99 2.11 -32.70
CA TYR A 144 -17.54 2.25 -32.79
C TYR A 144 -16.91 0.92 -32.39
N ARG A 145 -15.74 0.66 -32.96
CA ARG A 145 -14.96 -0.51 -32.60
C ARG A 145 -13.61 -0.05 -32.05
N GLU A 146 -13.21 -0.59 -30.90
CA GLU A 146 -11.94 -0.22 -30.28
C GLU A 146 -10.80 -0.94 -30.99
N VAL A 147 -9.86 -0.18 -31.54
CA VAL A 147 -8.68 -0.70 -32.23
C VAL A 147 -7.46 -0.02 -31.62
N GLY A 148 -6.62 -0.79 -30.93
CA GLY A 148 -5.47 -0.19 -30.28
C GLY A 148 -5.82 0.80 -29.18
N GLY A 149 -6.94 0.59 -28.51
CA GLY A 149 -7.37 1.52 -27.48
C GLY A 149 -8.09 2.75 -27.97
N GLU A 150 -8.42 2.82 -29.27
CA GLU A 150 -9.05 4.02 -29.78
C GLU A 150 -10.27 3.67 -30.61
N PRO A 151 -11.37 4.42 -30.47
CA PRO A 151 -12.61 4.06 -31.17
C PRO A 151 -12.54 4.42 -32.65
N VAL A 152 -12.96 3.47 -33.49
CA VAL A 152 -13.03 3.64 -34.94
C VAL A 152 -14.48 3.45 -35.34
N PRO A 153 -15.08 4.38 -36.09
CA PRO A 153 -16.47 4.19 -36.53
C PRO A 153 -16.66 2.90 -37.32
N VAL A 154 -17.76 2.20 -37.03
CA VAL A 154 -18.18 1.04 -37.79
C VAL A 154 -19.16 1.49 -38.86
N THR A 155 -18.78 1.34 -40.12
CA THR A 155 -19.63 1.74 -41.23
C THR A 155 -20.05 0.58 -42.13
N ARG A 156 -19.48 -0.60 -41.95
CA ARG A 156 -19.87 -1.76 -42.75
C ARG A 156 -20.37 -2.90 -41.84
N HIS A 168 -30.64 -23.72 -31.64
CA HIS A 168 -30.07 -24.90 -31.00
C HIS A 168 -30.34 -24.89 -29.51
N GLY A 169 -30.70 -23.71 -29.00
CA GLY A 169 -31.11 -23.57 -27.63
C GLY A 169 -32.57 -23.91 -27.46
N PRO A 170 -32.95 -24.26 -26.24
CA PRO A 170 -34.37 -24.46 -25.97
C PRO A 170 -35.16 -23.22 -26.35
N SER A 171 -36.42 -23.42 -26.70
CA SER A 171 -37.28 -22.28 -26.94
C SER A 171 -37.35 -21.43 -25.67
N PRO A 172 -37.57 -20.13 -25.79
CA PRO A 172 -37.59 -19.26 -24.61
C PRO A 172 -38.70 -19.68 -23.65
N THR A 173 -38.37 -19.65 -22.35
CA THR A 173 -39.35 -19.94 -21.32
C THR A 173 -39.17 -18.93 -20.18
N VAL A 174 -40.15 -18.90 -19.29
CA VAL A 174 -40.07 -18.12 -18.05
C VAL A 174 -39.34 -18.97 -17.02
N HIS A 175 -38.19 -18.48 -16.57
CA HIS A 175 -37.39 -19.33 -15.70
C HIS A 175 -37.73 -19.10 -14.23
N PRO A 176 -37.59 -20.13 -13.40
CA PRO A 176 -37.79 -19.95 -11.96
C PRO A 176 -36.75 -19.00 -11.38
N ILE A 177 -37.12 -18.34 -10.28
CA ILE A 177 -36.19 -17.44 -9.63
C ILE A 177 -36.02 -17.84 -8.17
N GLN A 178 -34.94 -17.37 -7.60
CA GLN A 178 -34.55 -17.65 -6.22
C GLN A 178 -34.05 -16.33 -5.64
N SER A 179 -34.37 -16.05 -4.38
CA SER A 179 -34.08 -14.74 -3.80
C SER A 179 -33.36 -14.91 -2.46
N PRO A 180 -32.04 -15.13 -2.50
CA PRO A 180 -31.28 -15.28 -1.26
C PRO A 180 -31.31 -13.99 -0.45
N GLN A 181 -31.18 -14.13 0.86
CA GLN A 181 -31.42 -12.99 1.75
C GLN A 181 -30.15 -12.23 2.10
N ASN A 182 -29.00 -12.63 1.60
CA ASN A 182 -27.87 -11.86 2.06
C ASN A 182 -27.73 -10.59 1.21
N ARG A 183 -26.94 -9.66 1.72
CA ARG A 183 -26.79 -8.35 1.13
C ARG A 183 -25.42 -8.28 0.48
N PHE A 184 -25.35 -7.69 -0.71
CA PHE A 184 -24.12 -7.61 -1.48
C PHE A 184 -23.70 -6.17 -1.64
N CYS A 185 -22.39 -5.92 -1.67
CA CYS A 185 -21.86 -4.61 -1.99
C CYS A 185 -21.08 -4.70 -3.30
N VAL A 186 -21.02 -3.58 -4.02
CA VAL A 186 -20.28 -3.48 -5.27
C VAL A 186 -19.16 -2.46 -5.05
N LEU A 187 -17.92 -2.86 -5.28
CA LEU A 187 -16.75 -2.13 -4.80
C LEU A 187 -15.68 -2.10 -5.88
N THR A 188 -14.76 -1.15 -5.76
CA THR A 188 -13.54 -1.19 -6.54
C THR A 188 -12.34 -1.03 -5.61
N LEU A 189 -11.14 -1.09 -6.19
CA LEU A 189 -9.91 -0.96 -5.44
C LEU A 189 -8.88 -0.24 -6.30
N ASP A 190 -8.04 0.55 -5.64
CA ASP A 190 -6.82 1.02 -6.27
C ASP A 190 -5.98 -0.21 -6.66
N PRO A 191 -5.57 -0.32 -7.93
CA PRO A 191 -4.79 -1.50 -8.33
C PRO A 191 -3.50 -1.70 -7.53
N GLU A 192 -2.90 -0.61 -7.02
CA GLU A 192 -1.74 -0.75 -6.15
C GLU A 192 -2.10 -1.36 -4.80
N THR A 193 -3.40 -1.42 -4.47
CA THR A 193 -3.90 -2.04 -3.24
C THR A 193 -4.09 -3.54 -3.39
N LEU A 194 -4.21 -4.05 -4.61
CA LEU A 194 -4.47 -5.48 -4.80
C LEU A 194 -3.44 -6.36 -4.10
N PRO A 195 -2.12 -6.11 -4.17
CA PRO A 195 -1.18 -6.95 -3.40
C PRO A 195 -1.42 -6.92 -1.90
N ALA A 196 -1.81 -5.78 -1.33
CA ALA A 196 -1.96 -5.71 0.13
C ALA A 196 -3.14 -6.53 0.64
N ILE A 197 -4.16 -6.77 -0.18
CA ILE A 197 -5.32 -7.56 0.23
C ILE A 197 -5.26 -8.99 -0.30
N ALA A 198 -4.16 -9.38 -0.93
CA ALA A 198 -4.14 -10.63 -1.69
C ALA A 198 -4.45 -11.84 -0.80
N THR A 199 -3.80 -11.95 0.37
CA THR A 199 -4.03 -13.13 1.19
C THR A 199 -5.49 -13.24 1.63
N THR A 200 -6.12 -12.10 1.95
CA THR A 200 -7.54 -12.14 2.34
C THR A 200 -8.42 -12.52 1.16
N LEU A 201 -8.15 -11.96 -0.01
CA LEU A 201 -8.92 -12.29 -1.20
C LEU A 201 -8.77 -13.77 -1.55
N ILE A 202 -7.55 -14.28 -1.44
CA ILE A 202 -7.29 -15.69 -1.69
C ILE A 202 -8.06 -16.56 -0.70
N ASP A 203 -8.04 -16.18 0.58
CA ASP A 203 -8.75 -16.96 1.60
C ASP A 203 -10.25 -16.98 1.32
N VAL A 204 -10.81 -15.81 1.02
CA VAL A 204 -12.24 -15.69 0.75
C VAL A 204 -12.63 -16.51 -0.48
N LEU A 205 -11.84 -16.41 -1.56
CA LEU A 205 -12.23 -17.05 -2.81
C LEU A 205 -12.01 -18.55 -2.77
N PHE A 206 -10.91 -19.01 -2.17
CA PHE A 206 -10.43 -20.35 -2.44
C PHE A 206 -10.34 -21.24 -1.21
N TYR A 207 -10.46 -20.71 0.01
CA TYR A 207 -10.24 -21.53 1.19
C TYR A 207 -11.40 -21.49 2.17
N SER A 208 -12.55 -20.94 1.76
CA SER A 208 -13.67 -20.70 2.65
C SER A 208 -14.77 -21.73 2.41
N HIS A 209 -15.53 -22.04 3.46
CA HIS A 209 -16.71 -22.90 3.30
C HIS A 209 -17.75 -22.17 2.47
N SER A 210 -18.54 -22.95 1.74
CA SER A 210 -19.53 -22.39 0.82
C SER A 210 -20.90 -22.97 1.13
N THR A 211 -21.94 -22.29 0.64
CA THR A 211 -23.29 -22.77 0.90
C THR A 211 -23.56 -24.02 0.06
N PRO A 212 -24.33 -24.96 0.59
CA PRO A 212 -24.61 -26.18 -0.16
C PRO A 212 -25.55 -25.87 -1.31
N LYS A 213 -25.52 -26.75 -2.31
CA LYS A 213 -26.37 -26.61 -3.49
C LYS A 213 -27.84 -26.54 -3.07
N GLU A 214 -28.54 -25.49 -3.51
CA GLU A 214 -29.96 -25.34 -3.19
C GLU A 214 -30.70 -24.92 -4.44
N ALA A 215 -31.65 -25.74 -4.86
CA ALA A 215 -32.48 -25.44 -6.02
C ALA A 215 -33.59 -24.46 -5.65
N ALA A 216 -34.02 -23.67 -6.65
CA ALA A 216 -35.09 -22.71 -6.41
C ALA A 216 -36.37 -23.38 -5.94
N SER A 217 -36.62 -24.62 -6.38
CA SER A 217 -37.87 -25.29 -6.05
C SER A 217 -37.99 -25.57 -4.56
N SER A 218 -36.89 -25.95 -3.91
CA SER A 218 -36.95 -26.30 -2.50
C SER A 218 -36.47 -25.17 -1.60
N SER A 219 -35.76 -24.19 -2.16
CA SER A 219 -35.20 -23.07 -1.41
C SER A 219 -35.49 -21.79 -2.17
N PRO A 220 -36.74 -21.33 -2.17
CA PRO A 220 -37.05 -20.12 -2.94
C PRO A 220 -36.39 -18.88 -2.37
N GLU A 221 -36.15 -18.84 -1.07
CA GLU A 221 -35.51 -17.69 -0.43
C GLU A 221 -34.48 -18.21 0.55
N PRO A 222 -33.34 -18.70 0.06
CA PRO A 222 -32.28 -19.13 0.97
C PRO A 222 -31.82 -17.96 1.83
N SER A 223 -31.46 -18.27 3.08
CA SER A 223 -30.87 -17.26 3.93
C SER A 223 -29.62 -16.67 3.32
N SER A 224 -28.86 -17.48 2.58
CA SER A 224 -27.56 -17.04 2.12
C SER A 224 -27.17 -17.86 0.90
N ILE A 225 -26.41 -17.23 0.02
CA ILE A 225 -25.77 -17.93 -1.09
C ILE A 225 -24.33 -17.44 -1.18
N THR A 226 -23.40 -18.38 -1.44
CA THR A 226 -22.02 -18.02 -1.72
C THR A 226 -21.92 -17.37 -3.11
N PHE A 227 -21.42 -16.14 -3.17
CA PHE A 227 -21.33 -15.44 -4.44
C PHE A 227 -20.28 -14.34 -4.27
N PHE A 228 -19.23 -14.40 -5.08
CA PHE A 228 -18.15 -13.42 -5.04
C PHE A 228 -17.70 -13.23 -6.48
N ALA A 229 -17.75 -11.99 -6.96
CA ALA A 229 -17.40 -11.69 -8.34
C ALA A 229 -16.18 -10.79 -8.31
N PHE A 230 -15.14 -11.18 -9.03
CA PHE A 230 -13.92 -10.37 -9.15
C PHE A 230 -13.65 -10.19 -10.62
N SER A 231 -13.46 -8.95 -11.06
CA SER A 231 -13.02 -8.75 -12.42
C SER A 231 -11.85 -7.77 -12.48
N LEU A 232 -10.95 -8.05 -13.42
CA LEU A 232 -9.82 -7.19 -13.74
C LEU A 232 -9.85 -7.06 -15.24
N ILE A 233 -10.31 -5.91 -15.73
CA ILE A 233 -10.51 -5.68 -17.15
C ILE A 233 -9.80 -4.39 -17.50
N GLU A 234 -8.74 -4.50 -18.31
CA GLU A 234 -7.92 -3.35 -18.71
C GLU A 234 -7.43 -2.58 -17.47
N GLY A 235 -7.08 -3.32 -16.42
CA GLY A 235 -6.52 -2.74 -15.23
C GLY A 235 -7.50 -2.28 -14.19
N TYR A 236 -8.80 -2.19 -14.52
CA TYR A 236 -9.83 -1.76 -13.58
C TYR A 236 -10.37 -2.95 -12.79
N ILE A 237 -10.50 -2.77 -11.48
CA ILE A 237 -10.91 -3.84 -10.57
C ILE A 237 -12.37 -3.61 -10.17
N SER A 238 -13.15 -4.69 -10.16
CA SER A 238 -14.52 -4.65 -9.68
C SER A 238 -14.75 -5.86 -8.80
N ILE A 239 -15.45 -5.66 -7.69
CA ILE A 239 -15.73 -6.74 -6.76
C ILE A 239 -17.19 -6.68 -6.34
N VAL A 240 -17.87 -7.82 -6.39
CA VAL A 240 -19.17 -7.97 -5.75
C VAL A 240 -18.99 -9.01 -4.64
N MET A 241 -19.33 -8.64 -3.41
CA MET A 241 -19.14 -9.56 -2.29
C MET A 241 -20.25 -9.35 -1.28
N ASP A 242 -20.49 -10.38 -0.47
CA ASP A 242 -21.40 -10.28 0.66
C ASP A 242 -20.98 -9.12 1.56
N ALA A 243 -21.97 -8.36 2.04
CA ALA A 243 -21.65 -7.24 2.93
C ALA A 243 -20.91 -7.72 4.17
N GLU A 244 -21.24 -8.91 4.66
CA GLU A 244 -20.60 -9.43 5.86
C GLU A 244 -19.12 -9.68 5.61
N THR A 245 -18.74 -9.93 4.36
CA THR A 245 -17.35 -10.27 4.04
C THR A 245 -16.46 -9.05 3.95
N GLN A 246 -17.03 -7.85 3.79
CA GLN A 246 -16.23 -6.64 3.85
C GLN A 246 -15.36 -6.58 5.10
N LYS A 247 -15.91 -7.04 6.23
CA LYS A 247 -15.20 -6.92 7.51
C LYS A 247 -13.85 -7.62 7.52
N LYS A 248 -13.65 -8.60 6.64
CA LYS A 248 -12.38 -9.31 6.55
C LYS A 248 -11.27 -8.45 5.96
N PHE A 249 -11.60 -7.41 5.23
CA PHE A 249 -10.66 -6.49 4.62
C PHE A 249 -10.59 -5.19 5.42
N PRO A 250 -9.58 -4.36 5.16
CA PRO A 250 -9.55 -3.03 5.80
C PRO A 250 -10.40 -2.02 5.05
N SER A 251 -10.98 -1.09 5.82
CA SER A 251 -12.06 -0.24 5.31
C SER A 251 -11.55 0.87 4.40
N ASP A 252 -10.32 1.35 4.61
CA ASP A 252 -9.78 2.43 3.78
C ASP A 252 -9.31 1.96 2.42
N LEU A 253 -9.27 0.66 2.16
CA LEU A 253 -8.82 0.11 0.90
C LEU A 253 -9.97 -0.19 -0.06
N LEU A 254 -11.10 -0.67 0.47
CA LEU A 254 -12.27 -0.95 -0.33
C LEU A 254 -12.98 0.36 -0.67
N LEU A 255 -13.02 0.70 -1.96
CA LEU A 255 -13.67 1.94 -2.40
C LEU A 255 -15.11 1.63 -2.78
N THR A 256 -16.05 2.33 -2.16
CA THR A 256 -17.47 2.03 -2.30
C THR A 256 -18.21 3.08 -3.12
N LEU A 262 -26.87 -1.19 -0.24
CA LEU A 262 -26.54 -2.58 -0.56
C LEU A 262 -27.56 -3.19 -1.52
N TRP A 263 -27.25 -4.38 -2.02
CA TRP A 263 -28.00 -4.99 -3.12
C TRP A 263 -28.50 -6.37 -2.72
N ARG A 264 -29.66 -6.76 -3.28
CA ARG A 264 -30.16 -8.11 -3.11
C ARG A 264 -30.11 -8.83 -4.45
N MET A 265 -29.88 -10.14 -4.40
CA MET A 265 -29.77 -10.95 -5.59
C MET A 265 -31.08 -11.65 -5.94
N VAL A 266 -31.40 -11.68 -7.23
CA VAL A 266 -32.36 -12.62 -7.79
C VAL A 266 -31.58 -13.55 -8.71
N ARG A 267 -31.52 -14.83 -8.35
CA ARG A 267 -30.86 -15.83 -9.17
C ARG A 267 -31.89 -16.47 -10.08
N ILE A 268 -31.54 -16.59 -11.36
CA ILE A 268 -32.50 -16.92 -12.42
C ILE A 268 -32.08 -18.26 -13.03
N GLY A 269 -33.01 -19.22 -13.04
CA GLY A 269 -32.78 -20.54 -13.59
C GLY A 269 -33.11 -21.68 -12.65
N GLY A 270 -33.64 -22.76 -13.21
CA GLY A 270 -33.71 -24.02 -12.53
C GLY A 270 -32.65 -24.95 -13.10
N GLN A 271 -32.91 -25.49 -14.28
CA GLN A 271 -31.87 -26.17 -15.05
C GLN A 271 -30.80 -25.15 -15.46
N PRO A 272 -29.56 -25.60 -15.64
CA PRO A 272 -28.52 -24.72 -16.20
C PRO A 272 -29.01 -24.05 -17.49
N LEU A 273 -28.71 -22.77 -17.62
CA LEU A 273 -29.30 -21.95 -18.68
C LEU A 273 -28.64 -22.14 -20.05
N GLY A 274 -27.43 -22.67 -20.09
CA GLY A 274 -26.78 -22.80 -21.39
C GLY A 274 -26.39 -21.44 -21.98
N PHE A 275 -26.15 -21.46 -23.30
CA PHE A 275 -25.63 -20.27 -23.99
C PHE A 275 -26.41 -19.93 -25.23
N ASP A 276 -27.49 -20.65 -25.51
CA ASP A 276 -28.20 -20.48 -26.76
C ASP A 276 -29.59 -19.92 -26.61
N GLU A 277 -30.25 -20.11 -25.46
CA GLU A 277 -31.57 -19.53 -25.26
C GLU A 277 -31.46 -18.00 -25.17
N CYS A 278 -32.25 -17.30 -25.98
CA CYS A 278 -32.33 -15.85 -25.89
C CYS A 278 -33.50 -15.43 -25.01
N GLY A 279 -33.50 -14.14 -24.64
CA GLY A 279 -34.64 -13.54 -24.00
C GLY A 279 -34.73 -13.76 -22.51
N ILE A 280 -33.68 -14.33 -21.90
CA ILE A 280 -33.67 -14.49 -20.45
C ILE A 280 -33.42 -13.14 -19.77
N VAL A 281 -32.34 -12.45 -20.17
CA VAL A 281 -32.09 -11.12 -19.63
C VAL A 281 -33.28 -10.22 -19.91
N ALA A 282 -33.87 -10.33 -21.11
CA ALA A 282 -34.99 -9.46 -21.47
C ALA A 282 -36.17 -9.64 -20.54
N GLN A 283 -36.43 -10.88 -20.10
CA GLN A 283 -37.63 -11.09 -19.28
C GLN A 283 -37.43 -10.55 -17.86
N ILE A 284 -36.20 -10.24 -17.48
CA ILE A 284 -35.90 -9.60 -16.21
C ILE A 284 -35.74 -8.09 -16.38
N ALA A 285 -34.90 -7.66 -17.33
CA ALA A 285 -34.63 -6.24 -17.51
C ALA A 285 -35.84 -5.47 -18.01
N GLY A 286 -36.66 -6.08 -18.86
CA GLY A 286 -37.86 -5.43 -19.36
C GLY A 286 -38.78 -4.97 -18.24
N PRO A 287 -39.21 -5.91 -17.39
CA PRO A 287 -40.10 -5.53 -16.29
C PRO A 287 -39.48 -4.56 -15.31
N LEU A 288 -38.18 -4.69 -15.04
CA LEU A 288 -37.52 -3.76 -14.14
C LEU A 288 -37.44 -2.36 -14.72
N ALA A 289 -37.29 -2.23 -16.04
CA ALA A 289 -37.37 -0.90 -16.66
C ALA A 289 -38.76 -0.30 -16.51
N ALA A 290 -39.80 -1.13 -16.65
CA ALA A 290 -41.16 -0.60 -16.50
C ALA A 290 -41.43 -0.21 -15.05
N ALA A 291 -40.75 -0.84 -14.11
CA ALA A 291 -40.85 -0.50 -12.70
C ALA A 291 -39.78 0.52 -12.26
N ASP A 292 -38.99 1.02 -13.20
CA ASP A 292 -37.81 1.88 -12.95
C ASP A 292 -37.00 1.43 -11.72
N ILE A 293 -36.51 0.19 -11.79
CA ILE A 293 -35.69 -0.40 -10.73
C ILE A 293 -34.31 -0.70 -11.28
N SER A 294 -33.28 -0.23 -10.56
CA SER A 294 -31.90 -0.47 -10.96
C SER A 294 -31.56 -1.95 -10.87
N ALA A 295 -30.72 -2.42 -11.77
CA ALA A 295 -30.33 -3.83 -11.74
C ALA A 295 -28.94 -4.00 -12.32
N TYR A 296 -28.03 -4.49 -11.51
CA TYR A 296 -26.78 -5.04 -12.03
C TYR A 296 -27.06 -6.48 -12.45
N TYR A 297 -26.34 -6.96 -13.46
CA TYR A 297 -26.68 -8.27 -13.97
C TYR A 297 -25.41 -9.04 -14.30
N ILE A 298 -25.27 -10.24 -13.73
CA ILE A 298 -24.07 -11.03 -13.93
C ILE A 298 -24.48 -12.43 -14.37
N SER A 299 -24.06 -12.84 -15.56
CA SER A 299 -24.24 -14.19 -16.03
C SER A 299 -23.08 -15.06 -15.54
N THR A 300 -23.40 -16.24 -14.97
CA THR A 300 -22.37 -17.24 -14.74
C THR A 300 -22.61 -18.39 -15.70
N PHE A 301 -21.79 -19.43 -15.58
CA PHE A 301 -21.84 -20.53 -16.54
C PHE A 301 -23.22 -21.20 -16.54
N ASN A 302 -23.86 -21.33 -15.38
CA ASN A 302 -25.13 -22.04 -15.27
C ASN A 302 -26.34 -21.15 -15.05
N PHE A 303 -26.20 -19.99 -14.39
CA PHE A 303 -27.36 -19.18 -14.02
C PHE A 303 -27.11 -17.71 -14.27
N ASP A 304 -28.19 -16.93 -14.22
CA ASP A 304 -28.12 -15.48 -14.29
C ASP A 304 -28.42 -14.92 -12.91
N HIS A 305 -27.88 -13.73 -12.63
CA HIS A 305 -28.01 -13.10 -11.32
C HIS A 305 -28.28 -11.62 -11.51
N ALA A 306 -29.45 -11.15 -11.08
CA ALA A 306 -29.75 -9.72 -11.10
C ALA A 306 -29.56 -9.20 -9.69
N LEU A 307 -28.79 -8.15 -9.54
CA LEU A 307 -28.63 -7.48 -8.26
C LEU A 307 -29.50 -6.23 -8.28
N VAL A 308 -30.38 -6.10 -7.29
CA VAL A 308 -31.28 -4.97 -7.22
C VAL A 308 -31.13 -4.30 -5.86
N PRO A 309 -31.50 -3.03 -5.73
CA PRO A 309 -31.39 -2.36 -4.43
C PRO A 309 -32.18 -3.13 -3.40
N GLU A 310 -31.58 -3.24 -2.21
CA GLU A 310 -32.13 -4.17 -1.23
C GLU A 310 -33.54 -3.78 -0.78
N ASP A 311 -33.85 -2.47 -0.73
CA ASP A 311 -35.16 -2.05 -0.28
C ASP A 311 -36.24 -2.26 -1.33
N GLY A 312 -35.87 -2.58 -2.57
CA GLY A 312 -36.83 -2.84 -3.63
C GLY A 312 -37.06 -4.31 -3.94
N ILE A 313 -36.46 -5.23 -3.18
CA ILE A 313 -36.53 -6.65 -3.55
C ILE A 313 -37.97 -7.15 -3.54
N GLY A 314 -38.79 -6.67 -2.61
CA GLY A 314 -40.18 -7.07 -2.56
C GLY A 314 -40.95 -6.67 -3.81
N SER A 315 -40.75 -5.44 -4.28
CA SER A 315 -41.37 -5.02 -5.54
C SER A 315 -40.83 -5.84 -6.70
N VAL A 316 -39.52 -6.11 -6.70
CA VAL A 316 -38.91 -6.86 -7.79
C VAL A 316 -39.51 -8.26 -7.88
N ILE A 317 -39.63 -8.94 -6.75
CA ILE A 317 -40.20 -10.29 -6.78
C ILE A 317 -41.62 -10.24 -7.30
N GLU A 318 -42.39 -9.24 -6.90
CA GLU A 318 -43.77 -9.14 -7.37
C GLU A 318 -43.82 -8.94 -8.88
N VAL A 319 -42.97 -8.05 -9.42
CA VAL A 319 -43.03 -7.80 -10.86
C VAL A 319 -42.59 -9.03 -11.63
N LEU A 320 -41.58 -9.75 -11.14
CA LEU A 320 -41.12 -10.93 -11.87
C LEU A 320 -42.13 -12.07 -11.79
N GLN A 321 -42.89 -12.17 -10.71
CA GLN A 321 -43.84 -13.26 -10.56
C GLN A 321 -45.12 -13.04 -11.34
N ARG A 322 -45.27 -11.88 -11.98
CA ARG A 322 -46.36 -11.66 -12.91
C ARG A 322 -46.05 -12.32 -14.26
N MET B 1 23.83 -27.59 28.14
CA MET B 1 22.88 -27.51 29.24
C MET B 1 21.54 -28.22 28.96
N GLU B 2 20.73 -27.74 28.02
CA GLU B 2 19.37 -28.27 27.85
C GLU B 2 19.07 -28.67 26.41
N LEU B 3 18.58 -29.89 26.25
CA LEU B 3 18.13 -30.40 24.96
C LEU B 3 16.63 -30.65 25.02
N HIS B 4 15.90 -30.08 24.09
CA HIS B 4 14.44 -30.17 24.07
C HIS B 4 13.97 -31.00 22.89
N ILE B 5 13.16 -32.03 23.16
CA ILE B 5 12.49 -32.77 22.09
C ILE B 5 11.18 -32.03 21.86
N LEU B 6 11.07 -31.33 20.73
CA LEU B 6 9.94 -30.46 20.47
C LEU B 6 8.69 -31.30 20.17
N GLU B 7 7.54 -30.64 20.21
CA GLU B 7 6.27 -31.37 20.11
C GLU B 7 5.96 -31.81 18.68
N HIS B 8 6.83 -31.51 17.73
CA HIS B 8 6.56 -31.73 16.31
C HIS B 8 6.88 -33.17 15.91
N ARG B 9 6.00 -33.72 15.08
CA ARG B 9 6.23 -35.00 14.40
C ARG B 9 6.21 -34.73 12.91
N VAL B 10 7.35 -34.92 12.26
CA VAL B 10 7.61 -34.31 10.97
C VAL B 10 7.74 -35.39 9.90
N ARG B 11 7.17 -35.13 8.72
CA ARG B 11 7.42 -35.93 7.54
C ARG B 11 8.26 -35.14 6.55
N VAL B 12 9.10 -35.85 5.81
CA VAL B 12 10.03 -35.24 4.88
C VAL B 12 9.65 -35.67 3.47
N LEU B 13 9.42 -34.70 2.58
CA LEU B 13 8.84 -34.95 1.27
C LEU B 13 9.62 -34.22 0.18
N SER B 14 9.50 -34.73 -1.05
CA SER B 14 10.05 -34.07 -2.23
C SER B 14 8.94 -33.89 -3.26
N VAL B 15 8.75 -32.67 -3.75
CA VAL B 15 7.83 -32.41 -4.86
C VAL B 15 8.65 -32.16 -6.12
N ALA B 16 8.44 -32.99 -7.14
CA ALA B 16 9.11 -32.78 -8.40
C ALA B 16 8.66 -31.46 -9.02
N ARG B 17 9.61 -30.71 -9.58
CA ARG B 17 9.27 -29.40 -10.11
C ARG B 17 8.11 -29.41 -11.12
N PRO B 18 8.02 -30.35 -12.07
CA PRO B 18 6.87 -30.32 -12.99
C PRO B 18 5.52 -30.55 -12.32
N GLY B 19 5.49 -30.96 -11.05
CA GLY B 19 4.25 -31.19 -10.34
C GLY B 19 3.90 -30.10 -9.34
N LEU B 20 4.73 -29.08 -9.22
CA LEU B 20 4.49 -28.07 -8.18
C LEU B 20 3.13 -27.42 -8.33
N TRP B 21 2.66 -27.23 -9.57
CA TRP B 21 1.36 -26.60 -9.80
C TRP B 21 0.25 -27.35 -9.03
N LEU B 22 0.34 -28.67 -8.97
CA LEU B 22 -0.68 -29.45 -8.27
C LEU B 22 -0.74 -29.17 -6.78
N TYR B 23 0.36 -28.71 -6.17
CA TYR B 23 0.42 -28.46 -4.73
C TYR B 23 0.28 -26.98 -4.39
N THR B 24 -0.10 -26.14 -5.37
CA THR B 24 -0.22 -24.72 -5.10
C THR B 24 -1.29 -24.45 -4.05
N HIS B 25 -2.44 -25.11 -4.16
CA HIS B 25 -3.52 -24.86 -3.19
C HIS B 25 -3.09 -25.20 -1.77
N PRO B 26 -2.61 -26.42 -1.47
CA PRO B 26 -2.18 -26.67 -0.07
C PRO B 26 -0.98 -25.85 0.36
N LEU B 27 -0.04 -25.54 -0.53
CA LEU B 27 1.13 -24.81 -0.07
C LEU B 27 0.80 -23.36 0.22
N ILE B 28 -0.09 -22.75 -0.57
CA ILE B 28 -0.52 -21.40 -0.25
C ILE B 28 -1.18 -21.37 1.13
N LYS B 29 -1.96 -22.41 1.45
CA LYS B 29 -2.58 -22.46 2.77
C LYS B 29 -1.53 -22.55 3.86
N LEU B 30 -0.56 -23.45 3.68
CA LEU B 30 0.45 -23.62 4.74
C LEU B 30 1.36 -22.39 4.88
N LEU B 31 1.62 -21.69 3.78
CA LEU B 31 2.46 -20.49 3.81
C LEU B 31 1.75 -19.31 4.47
N PHE B 32 0.46 -19.07 4.14
CA PHE B 32 -0.16 -17.78 4.38
C PHE B 32 -1.40 -17.76 5.25
N LEU B 33 -2.02 -18.91 5.53
CA LEU B 33 -3.35 -18.91 6.16
C LEU B 33 -3.31 -19.75 7.43
N PRO B 34 -2.72 -19.23 8.51
CA PRO B 34 -2.55 -20.05 9.72
C PRO B 34 -3.85 -20.50 10.36
N ARG B 35 -4.96 -19.82 10.13
CA ARG B 35 -6.19 -20.28 10.73
C ARG B 35 -6.84 -21.42 9.94
N ARG B 36 -6.28 -21.79 8.80
CA ARG B 36 -6.87 -22.83 7.95
C ARG B 36 -6.22 -24.20 8.15
N SER B 37 -5.25 -24.32 9.05
CA SER B 37 -4.69 -25.63 9.33
C SER B 37 -4.06 -25.57 10.71
N ARG B 38 -3.81 -26.76 11.26
CA ARG B 38 -3.17 -26.86 12.57
C ARG B 38 -1.68 -27.08 12.44
N CYS B 39 -1.10 -26.84 11.26
CA CYS B 39 0.32 -27.05 11.07
C CYS B 39 1.13 -26.03 11.87
N LYS B 40 2.12 -26.52 12.60
CA LYS B 40 3.01 -25.66 13.39
C LYS B 40 4.46 -25.78 12.96
N PHE B 41 4.77 -26.60 11.96
CA PHE B 41 6.14 -26.81 11.51
C PHE B 41 6.06 -26.94 10.00
N PHE B 42 6.57 -25.93 9.29
CA PHE B 42 6.53 -25.91 7.83
C PHE B 42 7.85 -25.41 7.30
N SER B 43 8.50 -26.20 6.45
CA SER B 43 9.74 -25.79 5.82
C SER B 43 9.72 -26.18 4.36
N LEU B 44 9.97 -25.22 3.49
CA LEU B 44 9.95 -25.43 2.05
C LEU B 44 11.27 -24.91 1.48
N THR B 45 11.99 -25.77 0.76
CA THR B 45 13.25 -25.39 0.13
C THR B 45 13.24 -25.75 -1.34
N GLU B 46 13.51 -24.77 -2.20
CA GLU B 46 13.61 -24.98 -3.64
C GLU B 46 15.07 -25.17 -4.02
N THR B 47 15.34 -26.22 -4.79
CA THR B 47 16.64 -26.50 -5.36
C THR B 47 16.46 -26.72 -6.84
N PRO B 48 17.54 -26.88 -7.60
CA PRO B 48 17.38 -27.29 -9.00
C PRO B 48 16.85 -28.71 -9.16
N GLU B 49 16.90 -29.53 -8.10
CA GLU B 49 16.42 -30.91 -8.18
C GLU B 49 14.93 -31.06 -7.84
N ASP B 50 14.41 -30.31 -6.88
CA ASP B 50 13.02 -30.46 -6.44
C ASP B 50 12.66 -29.34 -5.46
N TYR B 51 11.44 -29.42 -4.93
CA TYR B 51 11.05 -28.69 -3.74
C TYR B 51 11.03 -29.66 -2.57
N THR B 52 11.83 -29.39 -1.54
CA THR B 52 11.79 -30.23 -0.34
C THR B 52 10.84 -29.63 0.67
N LEU B 53 9.95 -30.46 1.23
CA LEU B 53 9.05 -30.04 2.29
C LEU B 53 9.35 -30.83 3.55
N MET B 54 9.45 -30.13 4.68
CA MET B 54 9.38 -30.78 5.98
C MET B 54 8.19 -30.18 6.72
N VAL B 55 7.23 -31.02 7.08
CA VAL B 55 5.96 -30.56 7.62
C VAL B 55 5.51 -31.49 8.71
N ASP B 56 4.83 -30.93 9.72
CA ASP B 56 4.33 -31.80 10.78
C ASP B 56 3.14 -32.62 10.27
N GLU B 57 2.68 -33.56 11.09
CA GLU B 57 1.65 -34.50 10.65
C GLU B 57 0.39 -33.78 10.17
N GLU B 58 0.04 -32.66 10.80
CA GLU B 58 -1.16 -31.95 10.37
C GLU B 58 -0.95 -31.31 9.00
N GLY B 59 0.21 -30.67 8.78
CA GLY B 59 0.49 -30.13 7.46
C GLY B 59 0.61 -31.22 6.41
N PHE B 60 1.14 -32.38 6.79
CA PHE B 60 1.24 -33.51 5.88
C PHE B 60 -0.14 -33.90 5.33
N LYS B 61 -1.18 -33.82 6.16
CA LYS B 61 -2.51 -34.25 5.71
C LYS B 61 -3.09 -33.37 4.62
N GLU B 62 -2.55 -32.16 4.44
CA GLU B 62 -3.02 -31.26 3.38
C GLU B 62 -2.45 -31.62 2.02
N LEU B 63 -1.49 -32.54 1.95
CA LEU B 63 -0.81 -32.81 0.70
C LEU B 63 -1.38 -34.08 0.08
N PRO B 64 -2.07 -34.00 -1.05
CA PRO B 64 -2.61 -35.22 -1.67
C PRO B 64 -1.53 -36.02 -2.30
N PRO B 65 -1.63 -37.35 -2.32
CA PRO B 65 -0.64 -38.19 -3.00
C PRO B 65 -0.69 -37.97 -4.51
N SER B 66 0.48 -38.03 -5.13
CA SER B 66 0.57 -38.07 -6.59
C SER B 66 1.89 -38.70 -6.98
N GLU B 67 2.05 -38.92 -8.29
CA GLU B 67 3.33 -39.38 -8.81
C GLU B 67 4.45 -38.34 -8.67
N PHE B 68 4.11 -37.09 -8.36
CA PHE B 68 5.12 -36.04 -8.19
C PHE B 68 5.64 -35.94 -6.76
N LEU B 69 5.05 -36.65 -5.81
CA LEU B 69 5.32 -36.46 -4.40
C LEU B 69 5.97 -37.72 -3.84
N GLN B 70 7.22 -37.60 -3.38
CA GLN B 70 7.92 -38.68 -2.69
C GLN B 70 7.94 -38.37 -1.21
N VAL B 71 7.77 -39.40 -0.39
CA VAL B 71 7.77 -39.23 1.06
C VAL B 71 8.89 -40.12 1.60
N ALA B 72 9.80 -39.53 2.34
CA ALA B 72 10.85 -40.30 3.00
C ALA B 72 10.22 -41.17 4.08
N GLU B 73 10.82 -42.34 4.29
CA GLU B 73 10.38 -43.20 5.37
C GLU B 73 10.54 -42.48 6.71
N ALA B 74 9.70 -42.88 7.66
CA ALA B 74 9.80 -42.55 9.08
C ALA B 74 9.18 -41.21 9.43
N THR B 75 8.74 -41.10 10.68
CA THR B 75 8.37 -39.84 11.28
C THR B 75 9.56 -39.32 12.07
N TRP B 76 9.88 -38.05 11.88
CA TRP B 76 11.08 -37.42 12.43
C TRP B 76 10.69 -36.57 13.63
N LEU B 77 11.48 -36.67 14.68
CA LEU B 77 11.34 -35.80 15.84
C LEU B 77 12.30 -34.63 15.68
N VAL B 78 12.03 -33.54 16.39
CA VAL B 78 12.78 -32.30 16.24
C VAL B 78 13.47 -31.97 17.56
N LEU B 79 14.80 -31.92 17.53
CA LEU B 79 15.62 -31.55 18.68
C LEU B 79 16.05 -30.09 18.57
N ASN B 80 16.17 -29.43 19.71
CA ASN B 80 16.63 -28.05 19.78
C ASN B 80 17.40 -27.87 21.08
N VAL B 81 18.64 -27.34 20.99
CA VAL B 81 19.46 -27.06 22.17
C VAL B 81 19.12 -25.67 22.70
N SER B 82 19.00 -25.55 24.02
CA SER B 82 18.95 -24.26 24.69
C SER B 82 20.36 -23.81 25.08
N VAL B 89 27.11 -14.84 21.37
CA VAL B 89 28.13 -15.40 22.23
C VAL B 89 28.71 -16.66 21.59
N GLN B 90 27.96 -17.25 20.66
CA GLN B 90 28.38 -18.49 20.02
C GLN B 90 28.43 -18.31 18.51
N ALA B 91 28.99 -19.31 17.84
CA ALA B 91 29.04 -19.27 16.38
C ALA B 91 27.64 -19.47 15.82
N ALA B 92 27.38 -18.81 14.69
CA ALA B 92 26.07 -18.95 14.06
C ALA B 92 25.88 -20.36 13.52
N GLY B 93 24.63 -20.82 13.57
CA GLY B 93 24.25 -22.05 12.91
C GLY B 93 24.79 -23.30 13.58
N VAL B 94 25.13 -24.29 12.76
CA VAL B 94 25.44 -25.64 13.23
C VAL B 94 26.79 -25.71 13.93
N THR B 95 27.65 -24.71 13.73
CA THR B 95 28.99 -24.75 14.29
C THR B 95 28.97 -24.92 15.80
N LYS B 96 28.02 -24.28 16.48
CA LYS B 96 28.00 -24.31 17.94
C LYS B 96 27.47 -25.64 18.49
N ILE B 97 26.87 -26.50 17.67
CA ILE B 97 26.42 -27.81 18.13
C ILE B 97 27.15 -28.94 17.41
N ALA B 98 28.27 -28.65 16.74
CA ALA B 98 28.97 -29.70 16.00
C ALA B 98 29.58 -30.73 16.93
N ARG B 99 30.22 -30.29 18.00
CA ARG B 99 30.83 -31.26 18.91
C ARG B 99 29.81 -31.85 19.86
N SER B 100 28.80 -31.07 20.25
CA SER B 100 27.89 -31.48 21.32
C SER B 100 26.72 -32.32 20.83
N VAL B 101 26.26 -32.11 19.59
CA VAL B 101 25.12 -32.86 19.07
C VAL B 101 25.48 -33.64 17.81
N ILE B 102 26.06 -32.97 16.82
CA ILE B 102 26.22 -33.60 15.50
C ILE B 102 27.22 -34.77 15.59
N ALA B 103 28.40 -34.55 16.15
CA ALA B 103 29.40 -35.61 16.17
C ALA B 103 28.94 -36.79 17.04
N PRO B 104 28.38 -36.57 18.24
CA PRO B 104 27.94 -37.72 19.04
C PRO B 104 26.86 -38.54 18.37
N LEU B 105 25.92 -37.91 17.66
CA LEU B 105 24.89 -38.69 16.99
C LEU B 105 25.48 -39.50 15.84
N ALA B 106 26.42 -38.90 15.09
CA ALA B 106 27.08 -39.63 14.01
C ALA B 106 27.85 -40.82 14.55
N GLU B 107 28.58 -40.61 15.66
CA GLU B 107 29.37 -41.68 16.27
C GLU B 107 28.49 -42.83 16.74
N HIS B 108 27.26 -42.54 17.13
CA HIS B 108 26.31 -43.57 17.57
C HIS B 108 25.34 -43.97 16.47
N HIS B 109 25.66 -43.63 15.22
CA HIS B 109 24.95 -44.11 14.03
C HIS B 109 23.48 -43.70 14.05
N VAL B 110 23.22 -42.47 14.49
CA VAL B 110 21.89 -41.88 14.37
C VAL B 110 21.93 -40.92 13.18
N SER B 111 21.13 -41.21 12.16
CA SER B 111 21.05 -40.33 10.98
C SER B 111 20.23 -39.09 11.30
N VAL B 112 20.70 -37.91 10.85
CA VAL B 112 20.02 -36.66 11.13
C VAL B 112 19.64 -35.98 9.83
N LEU B 113 18.76 -34.99 9.95
CA LEU B 113 18.52 -33.98 8.93
C LEU B 113 18.63 -32.64 9.63
N MET B 114 19.33 -31.69 9.02
CA MET B 114 19.58 -30.39 9.64
C MET B 114 18.64 -29.34 9.07
N LEU B 115 18.13 -28.47 9.96
CA LEU B 115 17.44 -27.27 9.47
C LEU B 115 17.89 -26.09 10.35
N SER B 116 18.99 -25.44 9.95
CA SER B 116 19.30 -24.16 10.54
C SER B 116 18.28 -23.12 10.06
N THR B 117 17.79 -22.29 10.97
CA THR B 117 16.95 -21.16 10.60
C THR B 117 17.57 -19.91 11.18
N TYR B 118 16.99 -18.76 10.79
CA TYR B 118 17.40 -17.49 11.37
C TYR B 118 17.38 -17.55 12.90
N GLN B 119 16.38 -18.19 13.47
CA GLN B 119 16.20 -18.15 14.92
C GLN B 119 17.00 -19.20 15.68
N THR B 120 17.16 -20.39 15.13
CA THR B 120 17.74 -21.49 15.90
C THR B 120 18.10 -22.64 14.96
N ASP B 121 18.61 -23.73 15.52
CA ASP B 121 19.00 -24.90 14.72
C ASP B 121 18.17 -26.10 15.13
N PHE B 122 17.45 -26.67 14.18
CA PHE B 122 16.65 -27.85 14.43
C PHE B 122 17.42 -29.07 13.93
N ILE B 123 17.52 -30.09 14.76
CA ILE B 123 18.12 -31.35 14.37
C ILE B 123 17.01 -32.38 14.36
N LEU B 124 16.74 -32.93 13.18
CA LEU B 124 15.69 -33.94 13.04
C LEU B 124 16.29 -35.33 13.10
N VAL B 125 15.62 -36.21 13.83
CA VAL B 125 16.05 -37.59 13.98
C VAL B 125 14.82 -38.47 13.85
N ARG B 126 15.02 -39.67 13.33
CA ARG B 126 13.87 -40.55 13.18
C ARG B 126 13.44 -41.03 14.55
N GLU B 127 12.11 -41.16 14.70
CA GLU B 127 11.49 -41.59 15.95
C GLU B 127 12.11 -42.87 16.50
N GLN B 128 12.48 -43.80 15.62
CA GLN B 128 13.05 -45.07 16.05
C GLN B 128 14.34 -44.90 16.85
N ASP B 129 15.01 -43.78 16.71
CA ASP B 129 16.32 -43.56 17.30
C ASP B 129 16.25 -42.81 18.63
N LEU B 130 15.05 -42.52 19.13
CA LEU B 130 14.91 -41.63 20.28
C LEU B 130 15.70 -42.14 21.49
N SER B 131 15.62 -43.45 21.79
CA SER B 131 16.31 -43.92 22.99
C SER B 131 17.82 -43.82 22.85
N VAL B 132 18.36 -44.00 21.64
CA VAL B 132 19.78 -43.83 21.45
C VAL B 132 20.14 -42.35 21.55
N VAL B 133 19.29 -41.47 21.04
CA VAL B 133 19.56 -40.04 21.14
C VAL B 133 19.63 -39.63 22.61
N ILE B 134 18.67 -40.09 23.40
CA ILE B 134 18.65 -39.77 24.82
C ILE B 134 19.90 -40.29 25.50
N HIS B 135 20.24 -41.56 25.25
CA HIS B 135 21.39 -42.16 25.93
C HIS B 135 22.68 -41.47 25.53
N THR B 136 22.78 -41.03 24.27
CA THR B 136 23.98 -40.41 23.76
C THR B 136 24.17 -39.00 24.30
N LEU B 137 23.10 -38.22 24.38
CA LEU B 137 23.23 -36.82 24.70
C LEU B 137 22.98 -36.51 26.17
N ALA B 138 22.51 -37.49 26.96
CA ALA B 138 22.17 -37.23 28.37
C ALA B 138 23.38 -36.89 29.22
N GLN B 139 24.59 -37.24 28.79
CA GLN B 139 25.77 -36.93 29.59
C GLN B 139 26.35 -35.56 29.27
N GLU B 140 25.68 -34.76 28.42
CA GLU B 140 25.96 -33.34 28.38
C GLU B 140 24.72 -32.50 28.67
N PHE B 141 23.53 -32.99 28.37
CA PHE B 141 22.33 -32.16 28.39
C PHE B 141 21.34 -32.72 29.41
N ASP B 142 20.63 -31.83 30.08
CA ASP B 142 19.36 -32.20 30.68
C ASP B 142 18.32 -32.20 29.56
N ILE B 143 17.63 -33.32 29.39
CA ILE B 143 16.77 -33.53 28.24
C ILE B 143 15.31 -33.40 28.69
N TYR B 144 14.53 -32.66 27.89
CA TYR B 144 13.13 -32.39 28.16
C TYR B 144 12.32 -32.68 26.91
N ARG B 145 11.07 -33.10 27.11
CA ARG B 145 10.10 -33.22 26.04
C ARG B 145 9.05 -32.14 26.22
N GLU B 146 8.73 -31.44 25.14
CA GLU B 146 7.68 -30.42 25.18
C GLU B 146 6.33 -31.10 25.06
N VAL B 147 5.53 -31.00 26.11
CA VAL B 147 4.16 -31.50 26.12
C VAL B 147 3.27 -30.35 26.59
N GLY B 148 2.31 -29.97 25.74
CA GLY B 148 1.42 -28.88 26.09
C GLY B 148 2.12 -27.56 26.28
N GLY B 149 3.22 -27.32 25.55
CA GLY B 149 3.96 -26.08 25.65
C GLY B 149 4.95 -25.99 26.79
N GLU B 150 4.99 -26.98 27.68
CA GLU B 150 5.92 -26.92 28.80
C GLU B 150 6.90 -28.09 28.77
N PRO B 151 8.12 -27.88 29.29
CA PRO B 151 9.14 -28.93 29.27
C PRO B 151 8.91 -29.96 30.35
N VAL B 152 8.94 -31.24 29.98
CA VAL B 152 8.85 -32.35 30.92
C VAL B 152 10.19 -33.09 30.90
N PRO B 153 10.84 -33.29 32.05
CA PRO B 153 12.08 -34.09 32.06
C PRO B 153 11.85 -35.46 31.45
N VAL B 154 12.83 -35.92 30.68
CA VAL B 154 12.72 -37.24 30.07
C VAL B 154 12.84 -38.31 31.15
N THR B 155 12.03 -39.36 31.03
CA THR B 155 12.04 -40.47 31.97
C THR B 155 12.32 -41.79 31.27
N ARG B 156 11.95 -42.89 31.89
CA ARG B 156 12.14 -44.22 31.31
C ARG B 156 10.89 -44.68 30.57
N THR B 173 32.09 -41.98 4.33
CA THR B 173 32.62 -41.68 3.01
C THR B 173 32.78 -40.18 2.83
N VAL B 174 33.77 -39.77 2.05
CA VAL B 174 34.07 -38.35 1.82
C VAL B 174 33.22 -37.87 0.65
N HIS B 175 32.40 -36.88 0.88
CA HIS B 175 31.48 -36.46 -0.16
C HIS B 175 32.02 -35.27 -0.92
N PRO B 176 31.82 -35.23 -2.24
CA PRO B 176 32.25 -34.07 -3.01
C PRO B 176 31.48 -32.81 -2.61
N ILE B 177 32.12 -31.66 -2.77
CA ILE B 177 31.51 -30.38 -2.48
C ILE B 177 31.68 -29.45 -3.67
N GLN B 178 30.80 -28.45 -3.74
CA GLN B 178 30.90 -27.41 -4.75
C GLN B 178 30.29 -26.14 -4.18
N SER B 179 30.76 -24.99 -4.65
CA SER B 179 30.21 -23.71 -4.20
C SER B 179 29.84 -22.87 -5.40
N PRO B 180 28.56 -22.70 -5.69
CA PRO B 180 28.17 -21.76 -6.75
C PRO B 180 28.45 -20.33 -6.32
N GLN B 181 28.43 -19.43 -7.30
CA GLN B 181 28.81 -18.04 -7.07
C GLN B 181 27.73 -17.22 -6.37
N ASN B 182 26.52 -17.76 -6.20
CA ASN B 182 25.43 -16.99 -5.63
C ASN B 182 25.76 -16.52 -4.22
N ARG B 183 25.32 -15.31 -3.89
CA ARG B 183 25.45 -14.78 -2.54
C ARG B 183 24.08 -14.83 -1.89
N PHE B 184 24.03 -15.32 -0.66
CA PHE B 184 22.77 -15.60 0.01
C PHE B 184 22.58 -14.73 1.25
N CYS B 185 21.33 -14.38 1.50
CA CYS B 185 20.90 -13.65 2.69
C CYS B 185 20.11 -14.59 3.59
N VAL B 186 20.29 -14.46 4.90
CA VAL B 186 19.55 -15.22 5.91
C VAL B 186 18.73 -14.22 6.70
N LEU B 187 17.42 -14.29 6.55
CA LEU B 187 16.53 -13.19 6.90
C LEU B 187 15.38 -13.70 7.76
N THR B 188 14.74 -12.78 8.47
CA THR B 188 13.47 -13.06 9.09
C THR B 188 12.46 -12.02 8.66
N LEU B 189 11.26 -12.12 9.24
CA LEU B 189 10.15 -11.26 8.88
C LEU B 189 9.22 -11.17 10.08
N ASP B 190 8.71 -9.98 10.35
CA ASP B 190 7.64 -9.85 11.33
C ASP B 190 6.40 -10.53 10.75
N PRO B 191 5.83 -11.55 11.44
CA PRO B 191 4.68 -12.28 10.88
C PRO B 191 3.53 -11.37 10.45
N GLU B 192 3.37 -10.21 11.09
CA GLU B 192 2.28 -9.31 10.74
C GLU B 192 2.47 -8.71 9.35
N THR B 193 3.67 -8.77 8.80
CA THR B 193 3.93 -8.22 7.46
C THR B 193 3.98 -9.30 6.38
N LEU B 194 3.76 -10.56 6.73
CA LEU B 194 3.75 -11.60 5.71
C LEU B 194 2.71 -11.36 4.62
N PRO B 195 1.49 -10.87 4.92
CA PRO B 195 0.58 -10.50 3.82
C PRO B 195 1.18 -9.50 2.83
N ALA B 196 2.01 -8.57 3.31
CA ALA B 196 2.56 -7.54 2.43
C ALA B 196 3.56 -8.11 1.43
N ILE B 197 4.19 -9.24 1.71
CA ILE B 197 5.13 -9.83 0.76
C ILE B 197 4.52 -11.01 0.01
N ALA B 198 3.23 -11.28 0.21
CA ALA B 198 2.68 -12.56 -0.24
C ALA B 198 2.75 -12.71 -1.76
N THR B 199 2.35 -11.69 -2.52
CA THR B 199 2.33 -11.88 -3.96
C THR B 199 3.73 -12.04 -4.54
N THR B 200 4.73 -11.39 -3.94
CA THR B 200 6.11 -11.57 -4.39
C THR B 200 6.63 -12.96 -4.05
N LEU B 201 6.39 -13.40 -2.82
CA LEU B 201 6.80 -14.74 -2.41
C LEU B 201 6.11 -15.79 -3.27
N ILE B 202 4.83 -15.58 -3.58
CA ILE B 202 4.13 -16.49 -4.48
C ILE B 202 4.81 -16.50 -5.85
N ASP B 203 5.11 -15.31 -6.39
CA ASP B 203 5.73 -15.23 -7.71
C ASP B 203 7.05 -15.97 -7.74
N VAL B 204 7.87 -15.76 -6.69
CA VAL B 204 9.19 -16.37 -6.62
C VAL B 204 9.09 -17.89 -6.53
N LEU B 205 8.21 -18.39 -5.66
CA LEU B 205 8.12 -19.82 -5.42
C LEU B 205 7.45 -20.57 -6.56
N PHE B 206 6.37 -20.02 -7.11
CA PHE B 206 5.49 -20.81 -7.96
C PHE B 206 5.54 -20.44 -9.43
N TYR B 207 6.06 -19.27 -9.78
CA TYR B 207 5.97 -18.80 -11.16
C TYR B 207 7.28 -18.36 -11.77
N SER B 208 8.40 -18.51 -11.08
CA SER B 208 9.68 -18.08 -11.60
C SER B 208 10.43 -19.23 -12.24
N THR B 226 20.19 -22.32 -7.95
CA THR B 226 18.87 -21.91 -7.53
C THR B 226 18.52 -22.53 -6.17
N PHE B 227 18.57 -21.72 -5.12
CA PHE B 227 18.26 -22.16 -3.76
C PHE B 227 17.41 -21.08 -3.09
N PHE B 228 16.28 -21.48 -2.54
CA PHE B 228 15.39 -20.58 -1.81
C PHE B 228 14.73 -21.38 -0.70
N ALA B 229 14.87 -20.92 0.55
CA ALA B 229 14.29 -21.62 1.69
C ALA B 229 13.34 -20.70 2.44
N PHE B 230 12.16 -21.22 2.75
CA PHE B 230 11.19 -20.54 3.60
C PHE B 230 10.74 -21.49 4.68
N SER B 231 10.79 -21.06 5.93
CA SER B 231 10.25 -21.89 7.00
C SER B 231 9.37 -21.06 7.91
N LEU B 232 8.31 -21.67 8.41
CA LEU B 232 7.41 -21.06 9.38
C LEU B 232 7.22 -22.12 10.45
N ILE B 233 7.86 -21.91 11.59
CA ILE B 233 7.94 -22.92 12.64
C ILE B 233 7.59 -22.27 13.97
N GLU B 234 6.49 -22.72 14.58
CA GLU B 234 6.00 -22.15 15.84
C GLU B 234 5.85 -20.63 15.72
N GLY B 235 5.39 -20.19 14.54
CA GLY B 235 5.10 -18.80 14.29
C GLY B 235 6.26 -17.96 13.79
N TYR B 236 7.49 -18.50 13.82
CA TYR B 236 8.66 -17.74 13.42
C TYR B 236 8.99 -18.00 11.95
N ILE B 237 9.30 -16.94 11.24
CA ILE B 237 9.62 -17.00 9.82
C ILE B 237 11.13 -16.90 9.62
N SER B 238 11.67 -17.78 8.78
CA SER B 238 13.06 -17.72 8.37
C SER B 238 13.13 -17.89 6.87
N ILE B 239 13.96 -17.09 6.22
CA ILE B 239 14.08 -17.14 4.76
C ILE B 239 15.55 -17.13 4.36
N VAL B 240 15.94 -18.00 3.43
CA VAL B 240 17.23 -17.93 2.78
C VAL B 240 16.98 -17.66 1.30
N MET B 241 17.68 -16.67 0.76
CA MET B 241 17.33 -16.10 -0.53
C MET B 241 18.58 -15.51 -1.17
N ASP B 242 18.71 -15.73 -2.48
CA ASP B 242 19.73 -15.10 -3.29
C ASP B 242 19.68 -13.58 -3.14
N ALA B 243 20.85 -12.94 -3.15
CA ALA B 243 20.87 -11.49 -3.12
C ALA B 243 20.12 -10.89 -4.30
N GLU B 244 20.16 -11.55 -5.46
CA GLU B 244 19.39 -11.07 -6.60
C GLU B 244 17.89 -11.18 -6.35
N THR B 245 17.45 -12.29 -5.75
CA THR B 245 16.03 -12.45 -5.46
C THR B 245 15.56 -11.44 -4.42
N GLN B 246 16.43 -11.05 -3.48
CA GLN B 246 16.02 -10.09 -2.46
C GLN B 246 15.60 -8.76 -3.09
N LYS B 247 16.21 -8.39 -4.21
CA LYS B 247 15.86 -7.15 -4.88
C LYS B 247 14.41 -7.12 -5.32
N LYS B 248 13.78 -8.28 -5.51
CA LYS B 248 12.40 -8.34 -5.97
C LYS B 248 11.39 -8.00 -4.88
N PHE B 249 11.80 -7.94 -3.62
CA PHE B 249 10.81 -7.76 -2.58
C PHE B 249 10.68 -6.29 -2.20
N PRO B 250 9.54 -5.88 -1.65
CA PRO B 250 9.41 -4.51 -1.14
C PRO B 250 10.49 -4.24 -0.10
N SER B 251 10.92 -2.98 -0.05
CA SER B 251 12.27 -2.67 0.42
C SER B 251 12.44 -2.90 1.92
N ASP B 252 11.43 -2.57 2.71
CA ASP B 252 11.60 -2.39 4.15
C ASP B 252 10.88 -3.45 4.98
N LEU B 253 10.91 -4.70 4.52
CA LEU B 253 10.13 -5.74 5.19
C LEU B 253 10.98 -6.91 5.65
N LEU B 254 11.90 -7.38 4.82
CA LEU B 254 12.80 -8.43 5.24
C LEU B 254 13.80 -7.88 6.23
N LEU B 255 14.06 -8.65 7.29
CA LEU B 255 14.82 -8.15 8.44
C LEU B 255 16.03 -9.03 8.71
N THR B 256 17.12 -8.39 9.14
CA THR B 256 18.27 -9.11 9.62
C THR B 256 18.98 -8.22 10.64
N SER B 257 19.60 -8.87 11.62
CA SER B 257 20.38 -8.09 12.58
C SER B 257 21.73 -7.66 12.02
N SER B 258 22.14 -8.20 10.86
CA SER B 258 23.40 -7.87 10.22
C SER B 258 23.12 -7.50 8.76
N SER B 259 22.72 -6.25 8.54
CA SER B 259 22.47 -5.75 7.20
C SER B 259 23.70 -5.91 6.31
N GLY B 260 23.49 -6.50 5.13
CA GLY B 260 24.54 -6.68 4.17
C GLY B 260 25.42 -7.89 4.38
N GLU B 261 25.13 -8.70 5.39
CA GLU B 261 25.93 -9.90 5.63
C GLU B 261 25.51 -10.98 4.64
N LEU B 262 26.44 -11.38 3.78
CA LEU B 262 26.13 -12.34 2.73
C LEU B 262 26.89 -13.64 2.97
N TRP B 263 26.32 -14.71 2.45
CA TRP B 263 26.80 -16.07 2.69
C TRP B 263 27.00 -16.76 1.35
N ARG B 264 27.98 -17.64 1.33
CA ARG B 264 28.21 -18.51 0.19
C ARG B 264 27.77 -19.92 0.54
N MET B 265 27.20 -20.61 -0.42
CA MET B 265 26.72 -21.96 -0.18
C MET B 265 27.75 -23.01 -0.58
N VAL B 266 27.90 -24.02 0.27
CA VAL B 266 28.65 -25.23 -0.08
C VAL B 266 27.63 -26.37 -0.20
N ARG B 267 27.46 -26.88 -1.42
CA ARG B 267 26.57 -28.01 -1.66
C ARG B 267 27.35 -29.31 -1.46
N ILE B 268 26.76 -30.23 -0.71
CA ILE B 268 27.42 -31.44 -0.23
C ILE B 268 26.75 -32.65 -0.84
N GLY B 269 27.54 -33.49 -1.50
CA GLY B 269 27.02 -34.72 -2.09
C GLY B 269 27.18 -34.77 -3.58
N GLY B 270 27.37 -35.97 -4.13
CA GLY B 270 27.43 -36.18 -5.57
C GLY B 270 26.16 -36.83 -6.08
N GLN B 271 25.95 -38.09 -5.71
CA GLN B 271 24.66 -38.74 -5.86
C GLN B 271 23.75 -38.33 -4.70
N PRO B 272 22.43 -38.51 -4.84
CA PRO B 272 21.53 -38.21 -3.72
C PRO B 272 21.97 -38.95 -2.46
N LEU B 273 21.85 -38.26 -1.33
CA LEU B 273 22.42 -38.74 -0.07
C LEU B 273 21.55 -39.74 0.67
N GLY B 274 20.25 -39.78 0.38
CA GLY B 274 19.37 -40.67 1.13
C GLY B 274 19.20 -40.20 2.58
N PHE B 275 18.72 -41.12 3.41
CA PHE B 275 18.41 -40.78 4.80
C PHE B 275 19.01 -41.74 5.82
N ASP B 276 19.83 -42.69 5.40
CA ASP B 276 20.46 -43.63 6.33
C ASP B 276 21.92 -43.37 6.60
N GLU B 277 22.66 -42.74 5.69
CA GLU B 277 24.08 -42.53 5.91
C GLU B 277 24.29 -41.48 6.99
N CYS B 278 25.08 -41.81 7.99
CA CYS B 278 25.42 -40.93 9.08
C CYS B 278 26.76 -40.24 8.82
N GLY B 279 27.04 -39.20 9.62
CA GLY B 279 28.36 -38.60 9.60
C GLY B 279 28.62 -37.61 8.49
N ILE B 280 27.60 -37.27 7.68
CA ILE B 280 27.79 -36.30 6.60
C ILE B 280 27.87 -34.88 7.16
N VAL B 281 26.85 -34.45 7.92
CA VAL B 281 26.92 -33.17 8.63
C VAL B 281 28.21 -33.10 9.45
N ALA B 282 28.57 -34.20 10.11
CA ALA B 282 29.71 -34.18 11.02
C ALA B 282 31.02 -33.88 10.29
N GLN B 283 31.19 -34.43 9.08
CA GLN B 283 32.45 -34.20 8.37
C GLN B 283 32.54 -32.78 7.81
N ILE B 284 31.44 -32.05 7.76
CA ILE B 284 31.44 -30.64 7.37
C ILE B 284 31.47 -29.74 8.61
N ALA B 285 30.58 -29.99 9.56
CA ALA B 285 30.46 -29.11 10.72
C ALA B 285 31.64 -29.26 11.68
N GLY B 286 32.22 -30.45 11.77
CA GLY B 286 33.39 -30.68 12.61
C GLY B 286 34.57 -29.79 12.24
N PRO B 287 35.05 -29.88 11.00
CA PRO B 287 36.16 -29.01 10.59
C PRO B 287 35.84 -27.52 10.69
N LEU B 288 34.59 -27.13 10.47
CA LEU B 288 34.23 -25.72 10.58
C LEU B 288 34.23 -25.27 12.04
N ALA B 289 33.79 -26.13 12.95
CA ALA B 289 33.89 -25.82 14.37
C ALA B 289 35.34 -25.72 14.82
N ALA B 290 36.19 -26.67 14.41
CA ALA B 290 37.59 -26.60 14.78
C ALA B 290 38.24 -25.29 14.32
N ALA B 291 37.81 -24.76 13.17
CA ALA B 291 38.31 -23.48 12.67
C ALA B 291 37.51 -22.29 13.20
N ASP B 292 36.43 -22.54 13.94
CA ASP B 292 35.56 -21.51 14.52
C ASP B 292 34.94 -20.63 13.44
N ILE B 293 34.41 -21.28 12.41
CA ILE B 293 33.76 -20.63 11.26
C ILE B 293 32.26 -20.88 11.34
N SER B 294 31.47 -19.80 11.37
CA SER B 294 30.02 -19.93 11.45
C SER B 294 29.45 -20.54 10.17
N ALA B 295 28.44 -21.39 10.31
CA ALA B 295 27.85 -22.02 9.13
C ALA B 295 26.41 -22.40 9.39
N TYR B 296 25.48 -21.91 8.57
CA TYR B 296 24.14 -22.46 8.62
C TYR B 296 24.12 -23.75 7.81
N TYR B 297 23.26 -24.69 8.21
CA TYR B 297 23.26 -25.98 7.54
C TYR B 297 21.82 -26.40 7.31
N ILE B 298 21.51 -26.73 6.05
CA ILE B 298 20.16 -27.07 5.65
C ILE B 298 20.23 -28.34 4.81
N SER B 299 19.53 -29.37 5.25
CA SER B 299 19.37 -30.58 4.46
C SER B 299 18.16 -30.45 3.55
N THR B 300 18.30 -30.89 2.29
CA THR B 300 17.13 -31.09 1.43
C THR B 300 16.97 -32.58 1.16
N PHE B 301 16.00 -32.95 0.31
CA PHE B 301 15.68 -34.36 0.13
C PHE B 301 16.88 -35.14 -0.38
N ASN B 302 17.66 -34.53 -1.28
CA ASN B 302 18.78 -35.20 -1.92
C ASN B 302 20.15 -34.74 -1.47
N PHE B 303 20.31 -33.50 -0.99
CA PHE B 303 21.66 -32.97 -0.74
C PHE B 303 21.69 -32.18 0.57
N ASP B 304 22.90 -31.89 1.03
CA ASP B 304 23.11 -31.00 2.17
C ASP B 304 23.71 -29.69 1.67
N HIS B 305 23.50 -28.63 2.45
CA HIS B 305 23.95 -27.29 2.06
C HIS B 305 24.45 -26.57 3.30
N ALA B 306 25.68 -26.11 3.25
CA ALA B 306 26.21 -25.27 4.31
C ALA B 306 26.36 -23.84 3.79
N LEU B 307 25.95 -22.87 4.58
CA LEU B 307 26.12 -21.47 4.22
C LEU B 307 27.17 -20.89 5.14
N VAL B 308 28.21 -20.29 4.55
CA VAL B 308 29.35 -19.78 5.30
C VAL B 308 29.56 -18.33 4.91
N PRO B 309 30.27 -17.55 5.72
CA PRO B 309 30.48 -16.14 5.39
C PRO B 309 31.18 -16.01 4.05
N GLU B 310 30.65 -15.10 3.21
CA GLU B 310 31.10 -15.06 1.82
C GLU B 310 32.59 -14.81 1.70
N ASP B 311 33.14 -13.94 2.55
CA ASP B 311 34.57 -13.62 2.49
C ASP B 311 35.45 -14.78 2.95
N GLY B 312 34.90 -15.73 3.70
CA GLY B 312 35.64 -16.88 4.16
C GLY B 312 35.49 -18.12 3.31
N ILE B 313 34.93 -18.00 2.10
CA ILE B 313 34.65 -19.20 1.32
C ILE B 313 35.95 -19.90 0.92
N GLY B 314 37.01 -19.13 0.66
CA GLY B 314 38.28 -19.74 0.32
C GLY B 314 38.85 -20.56 1.47
N SER B 315 38.81 -20.01 2.68
CA SER B 315 39.33 -20.75 3.83
C SER B 315 38.44 -21.94 4.19
N VAL B 316 37.13 -21.85 3.93
CA VAL B 316 36.26 -23.01 4.16
C VAL B 316 36.60 -24.14 3.20
N ILE B 317 36.79 -23.81 1.91
CA ILE B 317 37.14 -24.84 0.94
C ILE B 317 38.45 -25.50 1.32
N GLU B 318 39.44 -24.70 1.71
CA GLU B 318 40.72 -25.25 2.16
C GLU B 318 40.52 -26.17 3.36
N VAL B 319 39.79 -25.70 4.37
CA VAL B 319 39.54 -26.52 5.55
C VAL B 319 38.88 -27.84 5.17
N LEU B 320 37.89 -27.80 4.27
CA LEU B 320 37.15 -29.01 3.93
C LEU B 320 37.97 -29.98 3.09
N GLN B 321 38.95 -29.51 2.33
CA GLN B 321 39.77 -30.42 1.54
C GLN B 321 40.86 -31.11 2.36
N ARG B 322 40.97 -30.81 3.65
CA ARG B 322 41.93 -31.50 4.52
C ARG B 322 41.32 -32.77 5.07
N GLU C 2 6.51 -2.72 38.13
CA GLU C 2 7.05 -3.27 36.89
C GLU C 2 7.80 -2.23 36.04
N LEU C 3 8.92 -2.67 35.47
CA LEU C 3 9.69 -1.87 34.54
C LEU C 3 9.72 -2.59 33.20
N HIS C 4 9.36 -1.88 32.13
CA HIS C 4 9.27 -2.47 30.81
C HIS C 4 10.30 -1.85 29.89
N ILE C 5 11.11 -2.69 29.25
CA ILE C 5 11.96 -2.26 28.15
C ILE C 5 11.12 -2.39 26.88
N LEU C 6 10.75 -1.25 26.29
CA LEU C 6 9.87 -1.25 25.13
C LEU C 6 10.61 -1.73 23.88
N GLU C 7 9.82 -2.03 22.85
CA GLU C 7 10.33 -2.58 21.59
C GLU C 7 10.62 -1.45 20.60
N HIS C 8 11.48 -0.53 21.03
CA HIS C 8 11.86 0.63 20.23
C HIS C 8 13.37 0.79 20.31
N ARG C 9 14.01 0.99 19.17
CA ARG C 9 15.40 1.42 19.10
C ARG C 9 15.36 2.83 18.53
N VAL C 10 15.76 3.81 19.33
CA VAL C 10 15.47 5.22 19.04
C VAL C 10 16.75 5.94 18.68
N ARG C 11 16.67 6.77 17.65
CA ARG C 11 17.71 7.71 17.28
C ARG C 11 17.28 9.11 17.69
N VAL C 12 18.24 9.91 18.16
CA VAL C 12 18.01 11.27 18.65
C VAL C 12 18.71 12.23 17.70
N LEU C 13 17.96 13.21 17.20
CA LEU C 13 18.43 14.09 16.14
C LEU C 13 18.07 15.54 16.46
N SER C 14 18.83 16.47 15.89
CA SER C 14 18.43 17.87 15.94
C SER C 14 18.48 18.45 14.54
N VAL C 15 17.40 19.14 14.15
CA VAL C 15 17.31 19.83 12.86
C VAL C 15 17.45 21.32 13.12
N ALA C 16 18.46 21.94 12.51
CA ALA C 16 18.62 23.38 12.61
C ALA C 16 17.41 24.08 11.95
N ARG C 17 16.92 25.15 12.57
CA ARG C 17 15.70 25.78 12.06
C ARG C 17 15.79 26.19 10.59
N PRO C 18 16.89 26.74 10.08
CA PRO C 18 16.92 27.14 8.66
C PRO C 18 16.81 25.96 7.69
N GLY C 19 17.04 24.73 8.14
CA GLY C 19 16.94 23.56 7.29
C GLY C 19 15.68 22.74 7.44
N LEU C 20 14.77 23.11 8.33
CA LEU C 20 13.61 22.26 8.60
C LEU C 20 12.74 22.10 7.35
N TRP C 21 12.69 23.12 6.51
CA TRP C 21 11.87 23.01 5.29
C TRP C 21 12.33 21.85 4.42
N LEU C 22 13.60 21.48 4.50
CA LEU C 22 14.11 20.36 3.69
C LEU C 22 13.50 19.04 4.11
N TYR C 23 13.08 18.93 5.36
CA TYR C 23 12.54 17.71 5.92
C TYR C 23 11.01 17.71 5.96
N THR C 24 10.36 18.67 5.30
CA THR C 24 8.90 18.72 5.30
C THR C 24 8.30 17.43 4.76
N HIS C 25 8.82 16.93 3.63
CA HIS C 25 8.22 15.76 3.00
C HIS C 25 8.27 14.54 3.91
N PRO C 26 9.42 14.13 4.46
CA PRO C 26 9.40 12.99 5.40
C PRO C 26 8.69 13.29 6.71
N LEU C 27 8.78 14.51 7.24
CA LEU C 27 8.14 14.77 8.53
C LEU C 27 6.62 14.76 8.43
N ILE C 28 6.07 15.26 7.32
CA ILE C 28 4.62 15.21 7.17
C ILE C 28 4.15 13.77 7.07
N LYS C 29 4.94 12.91 6.44
CA LYS C 29 4.57 11.50 6.38
C LYS C 29 4.55 10.90 7.79
N LEU C 30 5.61 11.15 8.57
CA LEU C 30 5.67 10.60 9.92
C LEU C 30 4.57 11.17 10.80
N LEU C 31 4.22 12.45 10.59
CA LEU C 31 3.20 13.08 11.41
C LEU C 31 1.80 12.56 11.07
N PHE C 32 1.47 12.48 9.78
CA PHE C 32 0.09 12.42 9.36
C PHE C 32 -0.34 11.16 8.62
N LEU C 33 0.58 10.36 8.10
CA LEU C 33 0.24 9.29 7.16
C LEU C 33 0.70 7.94 7.68
N PRO C 34 0.00 7.38 8.66
CA PRO C 34 0.48 6.13 9.29
C PRO C 34 0.51 4.93 8.35
N ARG C 35 -0.21 4.98 7.23
CA ARG C 35 -0.12 3.88 6.27
C ARG C 35 1.10 3.97 5.37
N ARG C 36 1.87 5.07 5.43
CA ARG C 36 2.99 5.30 4.55
C ARG C 36 4.35 5.06 5.20
N SER C 37 4.40 4.55 6.42
CA SER C 37 5.67 4.26 7.09
C SER C 37 5.40 3.35 8.29
N ARG C 38 6.39 2.53 8.62
CA ARG C 38 6.29 1.63 9.75
C ARG C 38 6.86 2.23 11.04
N CYS C 39 7.05 3.54 11.10
CA CYS C 39 7.53 4.16 12.32
C CYS C 39 6.48 4.01 13.43
N LYS C 40 6.93 3.56 14.61
CA LYS C 40 6.05 3.36 15.76
C LYS C 40 6.44 4.25 16.94
N PHE C 41 7.47 5.08 16.79
CA PHE C 41 7.94 5.98 17.84
C PHE C 41 8.40 7.26 17.17
N PHE C 42 7.68 8.36 17.41
CA PHE C 42 7.99 9.63 16.77
C PHE C 42 7.76 10.76 17.76
N SER C 43 8.79 11.57 18.00
CA SER C 43 8.67 12.72 18.88
C SER C 43 9.36 13.90 18.22
N LEU C 44 8.68 15.03 18.14
CA LEU C 44 9.24 16.26 17.58
C LEU C 44 9.04 17.38 18.60
N THR C 45 10.13 18.04 19.00
CA THR C 45 10.06 19.14 19.96
C THR C 45 10.74 20.36 19.36
N GLU C 46 9.98 21.45 19.19
CA GLU C 46 10.51 22.72 18.75
C GLU C 46 10.95 23.57 19.94
N THR C 47 12.16 24.10 19.88
CA THR C 47 12.68 25.07 20.84
C THR C 47 13.31 26.21 20.07
N PRO C 48 13.72 27.29 20.76
CA PRO C 48 14.53 28.31 20.07
C PRO C 48 15.79 27.76 19.46
N GLU C 49 16.40 26.74 20.08
CA GLU C 49 17.68 26.22 19.61
C GLU C 49 17.54 25.46 18.29
N ASP C 50 16.50 24.63 18.15
CA ASP C 50 16.40 23.68 17.05
C ASP C 50 15.08 22.91 17.11
N TYR C 51 14.90 21.94 16.22
CA TYR C 51 13.87 20.92 16.40
C TYR C 51 14.56 19.63 16.80
N THR C 52 14.15 19.05 17.92
CA THR C 52 14.68 17.75 18.33
C THR C 52 13.72 16.65 17.91
N LEU C 53 14.27 15.63 17.27
CA LEU C 53 13.51 14.46 16.85
C LEU C 53 13.99 13.25 17.61
N MET C 54 13.05 12.49 18.15
CA MET C 54 13.33 11.13 18.61
C MET C 54 12.47 10.19 17.77
N VAL C 55 13.13 9.34 16.99
CA VAL C 55 12.42 8.45 16.07
C VAL C 55 13.02 7.05 16.15
N ASP C 56 12.20 6.03 15.93
CA ASP C 56 12.75 4.69 15.86
C ASP C 56 13.52 4.52 14.54
N GLU C 57 14.17 3.36 14.43
CA GLU C 57 15.07 3.11 13.30
C GLU C 57 14.34 3.20 11.97
N GLU C 58 13.09 2.72 11.92
CA GLU C 58 12.33 2.81 10.68
C GLU C 58 12.05 4.26 10.29
N GLY C 59 11.66 5.09 11.26
CA GLY C 59 11.46 6.49 10.96
C GLY C 59 12.74 7.21 10.59
N PHE C 60 13.85 6.80 11.20
CA PHE C 60 15.15 7.40 10.90
C PHE C 60 15.53 7.24 9.44
N LYS C 61 15.13 6.13 8.81
CA LYS C 61 15.48 5.88 7.41
C LYS C 61 14.86 6.89 6.46
N GLU C 62 13.87 7.66 6.92
CA GLU C 62 13.23 8.65 6.07
C GLU C 62 13.98 9.98 6.03
N LEU C 63 15.02 10.14 6.84
CA LEU C 63 15.61 11.47 7.05
C LEU C 63 17.00 11.51 6.46
N PRO C 64 17.20 12.07 5.27
CA PRO C 64 18.52 12.06 4.64
C PRO C 64 19.46 13.01 5.36
N PRO C 65 20.76 12.76 5.27
CA PRO C 65 21.72 13.61 5.99
C PRO C 65 21.90 14.95 5.29
N SER C 66 22.22 15.97 6.08
CA SER C 66 22.52 17.29 5.56
C SER C 66 23.28 18.07 6.61
N GLU C 67 23.82 19.22 6.21
CA GLU C 67 24.48 20.10 7.17
C GLU C 67 23.55 20.55 8.29
N PHE C 68 22.23 20.43 8.10
CA PHE C 68 21.25 20.91 9.08
C PHE C 68 20.82 19.84 10.07
N LEU C 69 21.26 18.60 9.89
CA LEU C 69 20.80 17.48 10.72
C LEU C 69 21.96 16.95 11.53
N GLN C 70 21.86 17.07 12.86
CA GLN C 70 22.86 16.50 13.75
C GLN C 70 22.28 15.22 14.32
N VAL C 71 23.07 14.15 14.29
CA VAL C 71 22.61 12.83 14.70
C VAL C 71 23.44 12.37 15.90
N ALA C 72 22.77 12.11 17.01
CA ALA C 72 23.50 11.54 18.15
C ALA C 72 23.96 10.13 17.81
N GLU C 73 25.16 9.77 18.26
CA GLU C 73 25.75 8.49 17.85
C GLU C 73 25.00 7.30 18.43
N ALA C 74 24.54 7.41 19.67
CA ALA C 74 24.04 6.25 20.38
C ALA C 74 22.63 5.89 19.92
N THR C 75 22.34 4.60 19.89
CA THR C 75 20.97 4.12 19.81
C THR C 75 20.44 3.99 21.23
N TRP C 76 19.22 4.46 21.44
CA TRP C 76 18.63 4.56 22.77
C TRP C 76 17.48 3.56 22.93
N LEU C 77 17.40 2.94 24.10
CA LEU C 77 16.27 2.10 24.43
C LEU C 77 15.30 2.85 25.32
N VAL C 78 14.06 2.37 25.37
CA VAL C 78 12.96 3.12 25.99
C VAL C 78 12.44 2.29 27.17
N LEU C 79 12.44 2.88 28.35
CA LEU C 79 11.91 2.25 29.55
C LEU C 79 10.63 2.96 29.97
N ASN C 80 9.77 2.20 30.65
CA ASN C 80 8.48 2.71 31.09
C ASN C 80 8.09 1.94 32.34
N VAL C 81 7.80 2.67 33.43
CA VAL C 81 7.31 2.05 34.66
C VAL C 81 5.80 1.94 34.57
N SER C 82 5.26 0.77 34.89
CA SER C 82 3.81 0.55 34.85
C SER C 82 3.25 0.26 36.24
N GLN C 90 -1.46 8.87 36.80
CA GLN C 90 -0.19 8.22 36.55
C GLN C 90 0.74 9.11 35.72
N ALA C 91 0.15 9.87 34.78
CA ALA C 91 0.95 10.81 34.00
C ALA C 91 1.50 11.91 34.90
N ALA C 92 2.40 12.72 34.33
CA ALA C 92 3.14 13.72 35.11
C ALA C 92 3.76 13.07 36.34
N GLY C 93 4.49 11.98 36.11
CA GLY C 93 4.96 11.15 37.20
C GLY C 93 6.46 11.01 37.30
N VAL C 94 7.19 11.99 36.77
CA VAL C 94 8.65 11.95 36.84
C VAL C 94 9.11 11.98 38.29
N THR C 95 8.50 12.81 39.13
CA THR C 95 8.95 12.86 40.52
C THR C 95 8.57 11.60 41.29
N LYS C 96 7.53 10.88 40.87
CA LYS C 96 7.19 9.63 41.55
C LYS C 96 8.28 8.57 41.39
N ILE C 97 9.07 8.65 40.31
CA ILE C 97 10.15 7.70 40.07
C ILE C 97 11.51 8.34 40.30
N ALA C 98 11.56 9.48 41.01
CA ALA C 98 12.84 10.09 41.32
C ALA C 98 13.70 9.18 42.18
N ARG C 99 13.14 8.63 43.25
CA ARG C 99 13.91 7.80 44.15
C ARG C 99 14.13 6.39 43.60
N SER C 100 13.18 5.85 42.84
CA SER C 100 13.26 4.46 42.45
C SER C 100 13.95 4.25 41.11
N VAL C 101 13.99 5.26 40.24
CA VAL C 101 14.57 5.06 38.92
C VAL C 101 15.67 6.09 38.65
N ILE C 102 15.34 7.37 38.78
CA ILE C 102 16.21 8.42 38.26
C ILE C 102 17.47 8.53 39.10
N ALA C 103 17.32 8.61 40.43
CA ALA C 103 18.49 8.69 41.29
C ALA C 103 19.34 7.44 41.22
N PRO C 104 18.80 6.21 41.28
CA PRO C 104 19.66 5.03 41.09
C PRO C 104 20.40 5.01 39.76
N LEU C 105 19.73 5.35 38.66
CA LEU C 105 20.45 5.38 37.39
C LEU C 105 21.61 6.38 37.44
N ALA C 106 21.36 7.56 38.01
CA ALA C 106 22.42 8.56 38.10
C ALA C 106 23.59 8.07 38.97
N GLU C 107 23.27 7.46 40.11
CA GLU C 107 24.32 6.98 41.01
C GLU C 107 25.18 5.92 40.34
N HIS C 108 24.62 5.19 39.38
CA HIS C 108 25.37 4.21 38.62
C HIS C 108 25.87 4.74 37.29
N HIS C 109 25.88 6.07 37.11
CA HIS C 109 26.46 6.72 35.94
C HIS C 109 25.82 6.26 34.63
N VAL C 110 24.52 5.99 34.68
CA VAL C 110 23.72 5.78 33.47
C VAL C 110 23.14 7.13 33.07
N SER C 111 23.52 7.63 31.90
CA SER C 111 22.95 8.85 31.37
C SER C 111 21.57 8.57 30.76
N VAL C 112 20.61 9.46 31.03
CA VAL C 112 19.25 9.26 30.53
C VAL C 112 18.86 10.42 29.62
N LEU C 113 17.79 10.20 28.86
CA LEU C 113 16.97 11.27 28.27
C LEU C 113 15.53 11.00 28.64
N MET C 114 14.80 12.04 29.02
CA MET C 114 13.42 11.92 29.47
C MET C 114 12.46 12.33 28.34
N LEU C 115 11.36 11.61 28.23
CA LEU C 115 10.31 12.00 27.27
C LEU C 115 8.97 11.75 27.97
N SER C 116 8.52 12.73 28.74
CA SER C 116 7.18 12.68 29.28
C SER C 116 6.18 12.98 28.17
N THR C 117 5.05 12.28 28.19
CA THR C 117 3.94 12.50 27.27
C THR C 117 2.66 12.57 28.08
N TYR C 118 1.57 12.91 27.39
CA TYR C 118 0.26 12.93 28.02
C TYR C 118 -0.05 11.61 28.70
N GLN C 119 0.36 10.50 28.09
CA GLN C 119 -0.03 9.17 28.57
C GLN C 119 0.93 8.60 29.60
N THR C 120 2.23 8.86 29.49
CA THR C 120 3.16 8.20 30.39
C THR C 120 4.51 8.90 30.30
N ASP C 121 5.44 8.45 31.14
CA ASP C 121 6.79 9.00 31.20
C ASP C 121 7.77 7.96 30.68
N PHE C 122 8.44 8.29 29.58
CA PHE C 122 9.46 7.41 29.01
C PHE C 122 10.83 7.86 29.51
N ILE C 123 11.66 6.88 29.85
CA ILE C 123 13.06 7.11 30.19
C ILE C 123 13.88 6.41 29.15
N LEU C 124 14.70 7.17 28.42
CA LEU C 124 15.58 6.61 27.41
C LEU C 124 16.99 6.47 27.97
N VAL C 125 17.64 5.35 27.64
CA VAL C 125 19.01 5.06 28.04
C VAL C 125 19.73 4.54 26.81
N ARG C 126 21.03 4.80 26.75
CA ARG C 126 21.85 4.29 25.66
C ARG C 126 21.97 2.77 25.76
N GLU C 127 21.95 2.10 24.61
CA GLU C 127 21.92 0.65 24.64
C GLU C 127 23.18 0.08 25.30
N GLN C 128 24.32 0.80 25.26
CA GLN C 128 25.53 0.36 25.95
C GLN C 128 25.32 0.14 27.45
N ASP C 129 24.29 0.75 28.04
CA ASP C 129 24.08 0.70 29.48
C ASP C 129 22.98 -0.27 29.91
N LEU C 130 22.45 -1.08 28.99
CA LEU C 130 21.27 -1.88 29.31
C LEU C 130 21.50 -2.82 30.48
N SER C 131 22.65 -3.50 30.52
CA SER C 131 22.86 -4.46 31.60
C SER C 131 23.01 -3.78 32.95
N VAL C 132 23.61 -2.58 32.99
CA VAL C 132 23.68 -1.85 34.25
C VAL C 132 22.29 -1.37 34.66
N VAL C 133 21.48 -0.96 33.68
CA VAL C 133 20.10 -0.58 33.94
C VAL C 133 19.34 -1.72 34.62
N ILE C 134 19.42 -2.92 34.04
CA ILE C 134 18.73 -4.08 34.59
C ILE C 134 19.28 -4.43 35.97
N HIS C 135 20.61 -4.47 36.11
CA HIS C 135 21.21 -4.77 37.40
C HIS C 135 20.76 -3.80 38.49
N THR C 136 20.70 -2.51 38.14
CA THR C 136 20.38 -1.47 39.12
C THR C 136 18.91 -1.51 39.52
N LEU C 137 18.02 -1.76 38.56
CA LEU C 137 16.59 -1.66 38.79
C LEU C 137 15.92 -3.00 39.07
N ALA C 138 16.68 -4.09 39.12
CA ALA C 138 16.07 -5.40 39.41
C ALA C 138 15.67 -5.53 40.87
N GLN C 139 16.32 -4.79 41.77
CA GLN C 139 16.02 -4.93 43.19
C GLN C 139 14.59 -4.51 43.51
N GLU C 140 14.14 -3.38 42.96
CA GLU C 140 12.84 -2.83 43.30
C GLU C 140 11.79 -3.07 42.22
N PHE C 141 12.19 -3.46 41.00
CA PHE C 141 11.25 -3.69 39.91
C PHE C 141 11.34 -5.12 39.40
N ASP C 142 10.21 -5.62 38.92
CA ASP C 142 10.19 -6.79 38.05
C ASP C 142 10.30 -6.30 36.62
N ILE C 143 11.36 -6.73 35.93
CA ILE C 143 11.75 -6.14 34.66
C ILE C 143 11.30 -7.06 33.53
N TYR C 144 10.69 -6.47 32.50
CA TYR C 144 10.21 -7.21 31.34
C TYR C 144 10.70 -6.54 30.07
N ARG C 145 10.97 -7.36 29.07
CA ARG C 145 11.27 -6.87 27.73
C ARG C 145 10.09 -7.21 26.83
N GLU C 146 9.56 -6.19 26.16
CA GLU C 146 8.47 -6.39 25.22
C GLU C 146 9.03 -7.01 23.94
N VAL C 147 8.53 -8.19 23.58
CA VAL C 147 8.94 -8.90 22.37
C VAL C 147 7.67 -9.37 21.69
N GLY C 148 7.49 -8.99 20.42
CA GLY C 148 6.26 -9.33 19.72
C GLY C 148 5.01 -8.70 20.29
N GLY C 149 5.16 -7.65 21.09
CA GLY C 149 4.03 -6.97 21.71
C GLY C 149 3.64 -7.47 23.08
N GLU C 150 4.27 -8.54 23.57
CA GLU C 150 3.97 -9.10 24.88
C GLU C 150 5.18 -9.02 25.80
N PRO C 151 4.97 -9.00 27.12
CA PRO C 151 6.10 -8.89 28.05
C PRO C 151 6.83 -10.21 28.25
N VAL C 152 8.15 -10.12 28.37
CA VAL C 152 9.00 -11.28 28.60
C VAL C 152 9.92 -10.98 29.78
N PRO C 153 9.86 -11.77 30.85
CA PRO C 153 10.74 -11.52 32.00
C PRO C 153 12.21 -11.55 31.61
N VAL C 154 12.99 -10.66 32.21
CA VAL C 154 14.40 -10.57 31.89
C VAL C 154 15.21 -11.41 32.86
N PRO C 164 35.66 2.84 29.81
CA PRO C 164 36.07 1.70 30.64
C PRO C 164 34.84 0.96 31.18
N ARG C 165 34.22 0.18 30.29
CA ARG C 165 32.85 -0.36 30.41
C ARG C 165 31.82 0.75 30.64
N THR C 166 31.25 0.93 31.85
CA THR C 166 30.39 2.09 32.01
C THR C 166 31.25 3.33 31.78
N GLN C 167 30.88 4.10 30.75
CA GLN C 167 31.67 5.26 30.41
C GLN C 167 31.72 6.26 31.57
N HIS C 168 32.85 6.95 31.69
CA HIS C 168 33.01 8.03 32.66
C HIS C 168 32.56 9.34 32.02
N GLY C 169 31.60 9.99 32.64
CA GLY C 169 31.11 11.24 32.11
C GLY C 169 31.75 12.42 32.80
N PRO C 170 31.39 13.62 32.35
CA PRO C 170 31.78 14.84 33.08
C PRO C 170 31.28 14.79 34.52
N SER C 171 32.06 15.38 35.42
CA SER C 171 31.66 15.47 36.81
C SER C 171 30.32 16.20 36.91
N PRO C 172 29.34 15.67 37.65
CA PRO C 172 28.06 16.36 37.80
C PRO C 172 28.26 17.76 38.38
N THR C 173 27.61 18.74 37.78
CA THR C 173 27.60 20.11 38.28
C THR C 173 26.15 20.57 38.40
N VAL C 174 25.97 21.71 39.06
CA VAL C 174 24.66 22.34 39.19
C VAL C 174 24.44 23.21 37.97
N HIS C 175 23.35 22.96 37.26
CA HIS C 175 23.13 23.72 36.03
C HIS C 175 22.17 24.88 36.27
N PRO C 176 22.38 26.01 35.60
CA PRO C 176 21.47 27.14 35.77
C PRO C 176 20.11 26.82 35.19
N ILE C 177 19.10 27.51 35.70
CA ILE C 177 17.74 27.31 35.22
C ILE C 177 17.15 28.65 34.76
N GLN C 178 16.17 28.55 33.86
CA GLN C 178 15.39 29.69 33.41
C GLN C 178 13.91 29.31 33.50
N SER C 179 13.06 30.30 33.76
CA SER C 179 11.62 30.09 33.85
C SER C 179 10.91 31.03 32.90
N PRO C 180 10.80 30.68 31.63
CA PRO C 180 9.94 31.44 30.73
C PRO C 180 8.51 31.45 31.27
N GLN C 181 7.75 32.47 30.87
CA GLN C 181 6.45 32.69 31.48
C GLN C 181 5.29 32.16 30.65
N ASN C 182 5.55 31.42 29.58
CA ASN C 182 4.48 30.76 28.84
C ASN C 182 3.70 29.83 29.76
N ARG C 183 2.39 29.76 29.51
CA ARG C 183 1.54 28.79 30.18
C ARG C 183 1.31 27.63 29.22
N PHE C 184 1.69 26.44 29.64
CA PHE C 184 1.69 25.28 28.76
C PHE C 184 0.55 24.34 29.07
N CYS C 185 -0.01 23.72 28.03
CA CYS C 185 -1.03 22.69 28.14
C CYS C 185 -0.46 21.37 27.67
N VAL C 186 -0.86 20.28 28.32
CA VAL C 186 -0.51 18.94 27.88
C VAL C 186 -1.79 18.26 27.42
N LEU C 187 -1.81 17.83 26.17
CA LEU C 187 -3.04 17.49 25.49
C LEU C 187 -2.90 16.17 24.76
N THR C 188 -4.04 15.54 24.49
CA THR C 188 -3.99 14.43 23.55
C THR C 188 -5.09 14.64 22.52
N LEU C 189 -5.36 13.62 21.73
CA LEU C 189 -6.24 13.76 20.58
C LEU C 189 -6.66 12.37 20.14
N ASP C 190 -7.91 12.23 19.71
CA ASP C 190 -8.33 11.00 19.04
C ASP C 190 -7.66 10.94 17.67
N PRO C 191 -6.91 9.89 17.35
CA PRO C 191 -6.18 9.86 16.07
C PRO C 191 -7.08 9.97 14.85
N GLU C 192 -8.36 9.58 14.97
CA GLU C 192 -9.28 9.75 13.85
C GLU C 192 -9.50 11.22 13.53
N THR C 193 -9.24 12.12 14.47
CA THR C 193 -9.44 13.54 14.27
C THR C 193 -8.16 14.29 13.90
N LEU C 194 -7.02 13.59 13.80
CA LEU C 194 -5.79 14.25 13.37
C LEU C 194 -5.92 14.95 12.02
N PRO C 195 -6.53 14.37 10.97
CA PRO C 195 -6.73 15.15 9.73
C PRO C 195 -7.36 16.51 9.98
N ALA C 196 -8.24 16.63 10.98
CA ALA C 196 -8.96 17.88 11.21
C ALA C 196 -8.04 19.00 11.70
N ILE C 197 -6.91 18.68 12.32
CA ILE C 197 -6.00 19.72 12.80
C ILE C 197 -4.76 19.82 11.94
N ALA C 198 -4.71 19.10 10.82
CA ALA C 198 -3.45 18.96 10.09
C ALA C 198 -2.92 20.29 9.61
N THR C 199 -3.76 21.09 8.93
CA THR C 199 -3.25 22.35 8.39
C THR C 199 -2.80 23.30 9.49
N THR C 200 -3.48 23.29 10.63
CA THR C 200 -3.03 24.13 11.74
C THR C 200 -1.70 23.62 12.30
N LEU C 201 -1.58 22.31 12.50
CA LEU C 201 -0.36 21.74 13.02
C LEU C 201 0.81 21.96 12.05
N ILE C 202 0.54 21.83 10.74
CA ILE C 202 1.57 22.09 9.74
C ILE C 202 2.01 23.55 9.79
N ASP C 203 1.04 24.46 9.90
CA ASP C 203 1.34 25.88 9.96
C ASP C 203 2.22 26.22 11.17
N VAL C 204 1.85 25.71 12.34
CA VAL C 204 2.62 25.96 13.55
C VAL C 204 4.05 25.44 13.40
N LEU C 205 4.20 24.20 12.93
CA LEU C 205 5.51 23.55 12.92
C LEU C 205 6.41 24.07 11.81
N PHE C 206 5.86 24.29 10.60
CA PHE C 206 6.74 24.52 9.45
C PHE C 206 6.74 25.95 8.92
N TYR C 207 5.78 26.79 9.31
CA TYR C 207 5.59 28.08 8.64
C TYR C 207 5.45 29.27 9.58
N SER C 208 5.67 29.08 10.88
CA SER C 208 5.56 30.19 11.83
C SER C 208 6.91 30.87 12.09
N ILE C 225 9.45 31.46 25.88
CA ILE C 225 10.16 30.46 25.09
C ILE C 225 9.22 29.88 24.07
N THR C 226 9.71 29.69 22.84
CA THR C 226 8.96 28.93 21.86
C THR C 226 9.22 27.44 22.12
N PHE C 227 8.24 26.76 22.70
CA PHE C 227 8.33 25.34 22.98
C PHE C 227 7.03 24.68 22.50
N PHE C 228 7.18 23.63 21.70
CA PHE C 228 6.04 22.90 21.14
C PHE C 228 6.50 21.47 20.95
N ALA C 229 5.74 20.52 21.48
CA ALA C 229 6.09 19.11 21.37
C ALA C 229 4.91 18.36 20.80
N PHE C 230 5.17 17.49 19.82
CA PHE C 230 4.18 16.57 19.29
C PHE C 230 4.80 15.19 19.29
N SER C 231 4.10 14.21 19.82
CA SER C 231 4.59 12.85 19.71
C SER C 231 3.47 11.90 19.32
N LEU C 232 3.85 10.90 18.54
CA LEU C 232 2.97 9.82 18.12
C LEU C 232 3.73 8.54 18.44
N ILE C 233 3.33 7.86 19.51
CA ILE C 233 4.07 6.71 20.01
C ILE C 233 3.09 5.56 20.22
N GLU C 234 3.27 4.48 19.46
CA GLU C 234 2.37 3.33 19.44
C GLU C 234 0.92 3.77 19.22
N GLY C 235 0.72 4.72 18.30
CA GLY C 235 -0.60 5.20 17.97
C GLY C 235 -1.19 6.23 18.94
N TYR C 236 -0.51 6.51 20.06
CA TYR C 236 -0.99 7.50 21.03
C TYR C 236 -0.38 8.87 20.73
N ILE C 237 -1.25 9.89 20.67
CA ILE C 237 -0.85 11.26 20.33
C ILE C 237 -0.71 12.06 21.61
N SER C 238 0.39 12.81 21.72
CA SER C 238 0.59 13.73 22.84
C SER C 238 1.11 15.05 22.29
N ILE C 239 0.60 16.16 22.82
CA ILE C 239 1.00 17.49 22.37
C ILE C 239 1.22 18.37 23.58
N VAL C 240 2.34 19.08 23.61
CA VAL C 240 2.58 20.14 24.59
C VAL C 240 2.61 21.46 23.82
N MET C 241 1.77 22.40 24.22
CA MET C 241 1.66 23.67 23.51
C MET C 241 1.31 24.76 24.50
N ASP C 242 1.75 25.97 24.21
CA ASP C 242 1.34 27.01 25.15
C ASP C 242 -0.10 27.43 24.84
N ALA C 243 -0.69 28.11 25.82
CA ALA C 243 -2.12 28.40 25.75
C ALA C 243 -2.44 29.33 24.59
N GLU C 244 -1.49 30.16 24.15
CA GLU C 244 -1.76 31.04 23.03
C GLU C 244 -1.79 30.28 21.72
N THR C 245 -0.88 29.31 21.56
CA THR C 245 -0.90 28.49 20.35
C THR C 245 -2.14 27.62 20.31
N GLN C 246 -2.67 27.22 21.47
CA GLN C 246 -3.88 26.40 21.51
C GLN C 246 -5.06 27.13 20.89
N LYS C 247 -5.09 28.46 21.01
CA LYS C 247 -6.17 29.25 20.40
C LYS C 247 -6.24 29.06 18.89
N LYS C 248 -5.11 28.76 18.26
CA LYS C 248 -5.08 28.59 16.81
C LYS C 248 -5.80 27.35 16.34
N PHE C 249 -6.05 26.43 17.22
CA PHE C 249 -6.55 25.16 16.71
C PHE C 249 -8.07 25.15 16.69
N PRO C 250 -8.66 24.42 15.73
CA PRO C 250 -10.11 24.23 15.75
C PRO C 250 -10.56 23.69 17.10
N SER C 251 -11.71 24.18 17.55
CA SER C 251 -12.15 23.92 18.91
C SER C 251 -12.69 22.50 19.07
N ASP C 252 -12.68 22.03 20.32
CA ASP C 252 -13.32 20.77 20.72
C ASP C 252 -12.71 19.56 20.01
N LEU C 253 -11.41 19.61 19.73
CA LEU C 253 -10.66 18.47 19.24
C LEU C 253 -9.53 18.07 20.17
N LEU C 254 -8.76 19.04 20.68
CA LEU C 254 -7.73 18.74 21.65
C LEU C 254 -8.36 18.33 22.98
N LEU C 255 -7.78 17.32 23.61
CA LEU C 255 -8.38 16.67 24.77
C LEU C 255 -7.47 16.78 25.98
N THR C 256 -8.08 16.88 27.16
CA THR C 256 -7.33 16.86 28.41
C THR C 256 -8.20 16.39 29.58
N GLU C 261 -5.99 23.34 33.94
CA GLU C 261 -4.76 22.80 34.54
C GLU C 261 -3.55 23.13 33.67
N LEU C 262 -2.90 24.26 33.93
CA LEU C 262 -1.79 24.71 33.11
C LEU C 262 -0.48 24.60 33.86
N TRP C 263 0.62 24.68 33.09
CA TRP C 263 1.94 24.27 33.54
C TRP C 263 2.96 25.36 33.21
N ARG C 264 3.94 25.51 34.08
CA ARG C 264 5.06 26.40 33.82
C ARG C 264 6.32 25.58 33.56
N MET C 265 7.20 26.11 32.71
CA MET C 265 8.37 25.37 32.31
C MET C 265 9.62 25.88 33.03
N VAL C 266 10.46 24.95 33.47
CA VAL C 266 11.79 25.24 33.96
C VAL C 266 12.77 24.67 32.95
N ARG C 267 13.48 25.55 32.25
CA ARG C 267 14.52 25.13 31.31
C ARG C 267 15.83 24.96 32.06
N ILE C 268 16.48 23.82 31.85
CA ILE C 268 17.67 23.45 32.62
C ILE C 268 18.88 23.46 31.70
N GLY C 269 19.89 24.24 32.08
CA GLY C 269 21.15 24.30 31.37
C GLY C 269 21.57 25.68 30.92
N GLY C 270 22.87 25.95 30.93
CA GLY C 270 23.40 27.16 30.35
C GLY C 270 24.08 26.82 29.04
N GLN C 271 25.29 26.29 29.13
CA GLN C 271 25.89 25.60 28.00
C GLN C 271 25.08 24.34 27.68
N PRO C 272 25.09 23.91 26.42
CA PRO C 272 24.37 22.67 26.06
C PRO C 272 24.81 21.50 26.94
N LEU C 273 23.86 20.60 27.20
CA LEU C 273 24.04 19.56 28.22
C LEU C 273 24.76 18.34 27.70
N GLY C 274 24.76 18.09 26.39
CA GLY C 274 25.36 16.88 25.84
C GLY C 274 24.58 15.64 26.28
N PHE C 275 25.18 14.48 26.02
CA PHE C 275 24.53 13.23 26.37
C PHE C 275 25.28 12.44 27.42
N ASP C 276 26.39 12.97 27.92
CA ASP C 276 27.25 12.16 28.79
C ASP C 276 27.09 12.49 30.26
N GLU C 277 26.80 13.75 30.61
CA GLU C 277 26.71 14.07 32.03
C GLU C 277 25.46 13.44 32.63
N CYS C 278 25.63 12.76 33.75
CA CYS C 278 24.54 12.14 34.50
C CYS C 278 24.09 13.04 35.63
N GLY C 279 22.96 12.68 36.23
CA GLY C 279 22.55 13.34 37.45
C GLY C 279 21.84 14.66 37.25
N ILE C 280 21.58 15.05 36.01
CA ILE C 280 20.90 16.33 35.76
C ILE C 280 19.42 16.20 36.08
N VAL C 281 18.75 15.18 35.51
CA VAL C 281 17.35 14.94 35.88
C VAL C 281 17.23 14.72 37.38
N ALA C 282 18.18 13.98 37.96
CA ALA C 282 18.11 13.66 39.39
C ALA C 282 18.12 14.92 40.24
N GLN C 283 18.91 15.92 39.86
CA GLN C 283 19.04 17.12 40.67
C GLN C 283 17.83 18.03 40.57
N ILE C 284 16.93 17.77 39.61
CA ILE C 284 15.66 18.48 39.51
C ILE C 284 14.52 17.65 40.07
N ALA C 285 14.43 16.39 39.66
CA ALA C 285 13.32 15.54 40.09
C ALA C 285 13.42 15.18 41.56
N GLY C 286 14.63 15.07 42.10
CA GLY C 286 14.84 14.75 43.49
C GLY C 286 14.21 15.77 44.43
N PRO C 287 14.61 17.04 44.30
CA PRO C 287 14.03 18.06 45.19
C PRO C 287 12.55 18.29 44.96
N LEU C 288 12.06 18.18 43.70
CA LEU C 288 10.63 18.32 43.48
C LEU C 288 9.84 17.18 44.13
N ALA C 289 10.37 15.95 44.08
CA ALA C 289 9.71 14.85 44.76
C ALA C 289 9.65 15.09 46.27
N ALA C 290 10.73 15.65 46.83
CA ALA C 290 10.75 15.96 48.26
C ALA C 290 9.66 16.97 48.62
N ALA C 291 9.40 17.93 47.73
CA ALA C 291 8.39 18.94 47.95
C ALA C 291 7.01 18.51 47.45
N ASP C 292 6.85 17.24 47.06
CA ASP C 292 5.54 16.71 46.65
C ASP C 292 4.96 17.48 45.47
N ILE C 293 5.80 17.77 44.48
CA ILE C 293 5.39 18.53 43.31
C ILE C 293 5.48 17.62 42.10
N SER C 294 4.38 17.54 41.35
CA SER C 294 4.34 16.74 40.12
C SER C 294 5.05 17.45 38.98
N ALA C 295 5.61 16.66 38.08
CA ALA C 295 6.35 17.23 36.96
C ALA C 295 6.27 16.32 35.73
N TYR C 296 6.14 16.95 34.56
CA TYR C 296 6.57 16.37 33.30
C TYR C 296 8.02 16.78 33.06
N TYR C 297 8.72 16.00 32.25
CA TYR C 297 10.12 16.29 31.99
C TYR C 297 10.43 15.83 30.57
N ILE C 298 10.94 16.74 29.76
CA ILE C 298 11.24 16.48 28.36
C ILE C 298 12.66 16.92 28.08
N SER C 299 13.51 16.00 27.64
CA SER C 299 14.84 16.33 27.16
C SER C 299 14.78 16.66 25.67
N THR C 300 15.46 17.73 25.27
CA THR C 300 15.73 18.00 23.86
C THR C 300 17.21 17.75 23.61
N PHE C 301 17.66 18.02 22.39
CA PHE C 301 19.01 17.64 22.01
C PHE C 301 20.05 18.30 22.89
N ASN C 302 19.82 19.57 23.25
CA ASN C 302 20.80 20.33 24.03
C ASN C 302 20.35 20.71 25.43
N PHE C 303 19.06 20.64 25.75
CA PHE C 303 18.60 21.15 27.04
C PHE C 303 17.51 20.25 27.62
N ASP C 304 17.26 20.44 28.91
CA ASP C 304 16.22 19.72 29.64
C ASP C 304 15.11 20.67 30.03
N HIS C 305 13.87 20.15 30.10
CA HIS C 305 12.70 20.99 30.33
C HIS C 305 11.77 20.27 31.29
N ALA C 306 11.52 20.89 32.43
CA ALA C 306 10.57 20.35 33.40
C ALA C 306 9.31 21.21 33.36
N LEU C 307 8.15 20.56 33.37
CA LEU C 307 6.88 21.26 33.48
C LEU C 307 6.27 21.00 34.85
N VAL C 308 5.92 22.06 35.55
CA VAL C 308 5.34 21.95 36.90
C VAL C 308 4.05 22.76 36.92
N PRO C 309 3.13 22.45 37.84
CA PRO C 309 1.88 23.22 37.91
C PRO C 309 2.17 24.70 38.06
N GLU C 310 1.42 25.53 37.32
CA GLU C 310 1.79 26.94 37.23
C GLU C 310 1.65 27.67 38.58
N ASP C 311 0.71 27.27 39.43
CA ASP C 311 0.52 28.03 40.67
C ASP C 311 1.65 27.80 41.68
N GLY C 312 2.47 26.77 41.47
CA GLY C 312 3.59 26.52 42.35
C GLY C 312 4.95 26.87 41.80
N ILE C 313 5.03 27.60 40.67
CA ILE C 313 6.32 27.83 40.04
C ILE C 313 7.25 28.64 40.95
N GLY C 314 6.69 29.59 41.70
CA GLY C 314 7.51 30.39 42.59
C GLY C 314 8.25 29.54 43.60
N SER C 315 7.55 28.58 44.22
CA SER C 315 8.21 27.69 45.17
C SER C 315 9.18 26.75 44.48
N VAL C 316 8.83 26.25 43.27
CA VAL C 316 9.74 25.39 42.53
C VAL C 316 11.08 26.09 42.31
N ILE C 317 11.04 27.37 41.95
CA ILE C 317 12.28 28.11 41.72
C ILE C 317 13.09 28.21 42.99
N GLU C 318 12.44 28.58 44.10
CA GLU C 318 13.15 28.69 45.38
C GLU C 318 13.72 27.35 45.82
N VAL C 319 13.00 26.26 45.56
CA VAL C 319 13.50 24.93 45.91
C VAL C 319 14.72 24.58 45.09
N LEU C 320 14.70 24.88 43.79
CA LEU C 320 15.83 24.51 42.94
C LEU C 320 17.04 25.40 43.17
N GLN C 321 16.85 26.62 43.67
CA GLN C 321 18.00 27.46 43.97
C GLN C 321 18.66 27.11 45.30
N ARG C 322 18.06 26.25 46.10
CA ARG C 322 18.68 25.76 47.32
C ARG C 322 19.75 24.72 47.00
N GLU D 2 -15.14 42.64 -23.13
CA GLU D 2 -15.35 41.25 -23.53
C GLU D 2 -14.09 40.42 -23.34
N LEU D 3 -12.92 41.06 -23.37
CA LEU D 3 -11.64 40.40 -23.12
C LEU D 3 -10.88 41.16 -22.04
N HIS D 4 -10.37 40.42 -21.05
CA HIS D 4 -9.68 41.03 -19.91
C HIS D 4 -8.26 40.48 -19.81
N ILE D 5 -7.28 41.38 -19.81
CA ILE D 5 -5.90 41.05 -19.53
C ILE D 5 -5.76 41.14 -18.01
N LEU D 6 -5.61 39.98 -17.36
CA LEU D 6 -5.66 39.96 -15.91
C LEU D 6 -4.34 40.47 -15.32
N GLU D 7 -4.37 40.73 -14.02
CA GLU D 7 -3.22 41.28 -13.30
C GLU D 7 -2.31 40.16 -12.78
N HIS D 8 -1.84 39.33 -13.70
CA HIS D 8 -0.98 38.20 -13.34
C HIS D 8 0.18 38.11 -14.33
N ARG D 9 1.38 37.94 -13.80
CA ARG D 9 2.57 37.66 -14.60
C ARG D 9 3.08 36.28 -14.19
N VAL D 10 2.93 35.30 -15.09
CA VAL D 10 2.99 33.89 -14.72
C VAL D 10 4.26 33.26 -15.25
N ARG D 11 4.89 32.43 -14.41
CA ARG D 11 5.98 31.58 -14.83
C ARG D 11 5.49 30.14 -14.93
N VAL D 12 6.01 29.39 -15.88
CA VAL D 12 5.58 28.02 -16.16
C VAL D 12 6.76 27.10 -15.90
N LEU D 13 6.55 26.11 -15.03
CA LEU D 13 7.63 25.26 -14.54
C LEU D 13 7.24 23.80 -14.57
N SER D 14 8.25 22.94 -14.58
CA SER D 14 8.07 21.49 -14.50
C SER D 14 9.00 20.95 -13.42
N VAL D 15 8.45 20.18 -12.49
CA VAL D 15 9.22 19.51 -11.44
C VAL D 15 9.22 18.03 -11.77
N ALA D 16 10.41 17.46 -11.97
CA ALA D 16 10.51 16.02 -12.18
C ALA D 16 10.10 15.31 -10.90
N ARG D 17 9.44 14.15 -11.05
CA ARG D 17 8.94 13.45 -9.87
C ARG D 17 10.01 13.09 -8.84
N PRO D 18 11.23 12.65 -9.21
CA PRO D 18 12.23 12.35 -8.15
C PRO D 18 12.63 13.57 -7.32
N GLY D 19 12.31 14.78 -7.75
CA GLY D 19 12.66 15.96 -6.98
C GLY D 19 11.51 16.65 -6.28
N LEU D 20 10.30 16.09 -6.38
CA LEU D 20 9.14 16.74 -5.81
C LEU D 20 9.28 16.95 -4.31
N TRP D 21 9.99 16.04 -3.61
CA TRP D 21 10.14 16.15 -2.17
C TRP D 21 10.71 17.52 -1.78
N LEU D 22 11.64 18.04 -2.59
CA LEU D 22 12.27 19.31 -2.27
C LEU D 22 11.29 20.47 -2.26
N TYR D 23 10.23 20.37 -3.06
CA TYR D 23 9.27 21.45 -3.20
C TYR D 23 8.06 21.28 -2.31
N THR D 24 8.10 20.32 -1.37
CA THR D 24 6.94 20.08 -0.51
C THR D 24 6.61 21.30 0.34
N HIS D 25 7.63 21.92 0.92
CA HIS D 25 7.39 23.08 1.79
C HIS D 25 6.77 24.24 1.03
N PRO D 26 7.34 24.73 -0.09
CA PRO D 26 6.67 25.83 -0.81
C PRO D 26 5.32 25.45 -1.38
N LEU D 27 5.15 24.22 -1.85
CA LEU D 27 3.90 23.85 -2.49
C LEU D 27 2.78 23.72 -1.46
N ILE D 28 3.09 23.22 -0.27
CA ILE D 28 2.05 23.10 0.75
C ILE D 28 1.58 24.48 1.18
N LYS D 29 2.50 25.45 1.26
CA LYS D 29 2.11 26.83 1.55
C LYS D 29 1.21 27.36 0.44
N LEU D 30 1.60 27.17 -0.81
CA LEU D 30 0.77 27.66 -1.92
C LEU D 30 -0.58 26.95 -1.99
N LEU D 31 -0.64 25.67 -1.62
CA LEU D 31 -1.89 24.92 -1.69
C LEU D 31 -2.83 25.27 -0.54
N PHE D 32 -2.31 25.40 0.68
CA PHE D 32 -3.12 25.32 1.88
C PHE D 32 -3.07 26.53 2.81
N LEU D 33 -2.11 27.45 2.67
CA LEU D 33 -1.92 28.51 3.65
C LEU D 33 -2.02 29.88 3.00
N PRO D 34 -3.24 30.33 2.66
CA PRO D 34 -3.39 31.62 1.95
C PRO D 34 -2.76 32.80 2.66
N ARG D 35 -2.72 32.80 4.00
CA ARG D 35 -2.22 33.95 4.72
C ARG D 35 -0.69 34.06 4.70
N ARG D 36 0.01 33.11 4.09
CA ARG D 36 1.46 33.05 4.16
C ARG D 36 2.16 33.42 2.85
N SER D 37 1.42 33.67 1.77
CA SER D 37 2.06 34.03 0.52
C SER D 37 1.17 35.02 -0.24
N ARG D 38 1.82 35.91 -0.98
CA ARG D 38 1.13 36.87 -1.82
C ARG D 38 0.78 36.32 -3.20
N CYS D 39 0.88 35.01 -3.38
CA CYS D 39 0.54 34.40 -4.66
C CYS D 39 -0.97 34.46 -4.88
N LYS D 40 -1.37 34.91 -6.07
CA LYS D 40 -2.78 34.98 -6.45
C LYS D 40 -3.10 34.10 -7.64
N PHE D 41 -2.11 33.44 -8.22
CA PHE D 41 -2.31 32.57 -9.37
C PHE D 41 -1.43 31.35 -9.14
N PHE D 42 -2.07 30.20 -8.90
CA PHE D 42 -1.34 28.98 -8.62
C PHE D 42 -2.04 27.81 -9.27
N SER D 43 -1.29 27.06 -10.08
CA SER D 43 -1.83 25.89 -10.76
C SER D 43 -0.80 24.77 -10.72
N LEU D 44 -1.21 23.58 -10.26
CA LEU D 44 -0.36 22.40 -10.18
C LEU D 44 -1.08 21.27 -10.90
N THR D 45 -0.38 20.62 -11.82
CA THR D 45 -0.94 19.51 -12.57
C THR D 45 0.05 18.34 -12.53
N GLU D 46 -0.37 17.25 -11.90
CA GLU D 46 0.40 16.01 -11.92
C GLU D 46 0.06 15.20 -13.17
N THR D 47 1.09 14.77 -13.89
CA THR D 47 0.99 13.91 -15.07
C THR D 47 1.87 12.70 -14.83
N PRO D 48 1.91 11.71 -15.75
CA PRO D 48 2.89 10.63 -15.55
C PRO D 48 4.33 11.12 -15.67
N GLU D 49 4.59 12.17 -16.44
CA GLU D 49 5.96 12.60 -16.69
C GLU D 49 6.50 13.64 -15.71
N ASP D 50 5.65 14.44 -15.04
CA ASP D 50 6.16 15.56 -14.25
C ASP D 50 5.03 16.15 -13.41
N TYR D 51 5.39 17.17 -12.61
CA TYR D 51 4.44 18.12 -12.04
C TYR D 51 4.63 19.45 -12.75
N THR D 52 3.59 19.92 -13.45
CA THR D 52 3.65 21.23 -14.07
C THR D 52 3.09 22.26 -13.10
N LEU D 53 3.81 23.36 -12.94
CA LEU D 53 3.39 24.46 -12.08
C LEU D 53 3.25 25.73 -12.92
N MET D 54 2.13 26.42 -12.75
CA MET D 54 1.98 27.78 -13.24
C MET D 54 1.72 28.68 -12.04
N VAL D 55 2.60 29.65 -11.81
CA VAL D 55 2.54 30.51 -10.64
C VAL D 55 2.85 31.94 -11.05
N ASP D 56 2.30 32.90 -10.31
CA ASP D 56 2.64 34.28 -10.56
C ASP D 56 4.02 34.59 -9.98
N GLU D 57 4.46 35.82 -10.15
CA GLU D 57 5.83 36.18 -9.75
C GLU D 57 6.03 36.02 -8.24
N GLU D 58 5.02 36.35 -7.45
CA GLU D 58 5.15 36.18 -6.00
C GLU D 58 5.28 34.71 -5.62
N GLY D 59 4.49 33.84 -6.24
CA GLY D 59 4.63 32.41 -5.98
C GLY D 59 5.94 31.85 -6.49
N PHE D 60 6.42 32.35 -7.64
CA PHE D 60 7.66 31.87 -8.22
C PHE D 60 8.86 32.12 -7.30
N LYS D 61 8.80 33.16 -6.47
CA LYS D 61 9.89 33.48 -5.55
C LYS D 61 10.08 32.43 -4.46
N GLU D 62 9.05 31.62 -4.19
CA GLU D 62 9.11 30.58 -3.18
C GLU D 62 9.77 29.31 -3.67
N LEU D 63 10.09 29.22 -4.95
CA LEU D 63 10.56 27.97 -5.53
C LEU D 63 12.07 28.02 -5.68
N PRO D 64 12.83 27.19 -4.98
CA PRO D 64 14.28 27.18 -5.14
C PRO D 64 14.68 26.48 -6.43
N PRO D 65 15.73 26.94 -7.10
CA PRO D 65 16.26 26.22 -8.25
C PRO D 65 16.82 24.86 -7.84
N SER D 66 16.88 23.94 -8.79
CA SER D 66 17.40 22.61 -8.54
C SER D 66 17.54 21.86 -9.86
N GLU D 67 18.17 20.68 -9.77
CA GLU D 67 18.39 19.85 -10.95
C GLU D 67 17.09 19.24 -11.49
N PHE D 68 16.00 19.26 -10.70
CA PHE D 68 14.75 18.66 -11.15
C PHE D 68 13.76 19.69 -11.66
N LEU D 69 14.15 20.96 -11.74
CA LEU D 69 13.25 22.03 -12.08
C LEU D 69 13.58 22.54 -13.48
N GLN D 70 12.57 22.59 -14.34
CA GLN D 70 12.67 23.27 -15.62
C GLN D 70 11.76 24.49 -15.60
N VAL D 71 12.25 25.61 -16.12
CA VAL D 71 11.50 26.86 -16.14
C VAL D 71 11.38 27.32 -17.58
N ALA D 72 10.15 27.48 -18.06
CA ALA D 72 9.95 28.08 -19.38
C ALA D 72 10.53 29.49 -19.40
N GLU D 73 11.04 29.89 -20.56
CA GLU D 73 11.82 31.13 -20.64
C GLU D 73 10.97 32.38 -20.45
N ALA D 74 9.78 32.42 -21.05
CA ALA D 74 9.04 33.67 -21.10
C ALA D 74 8.22 33.89 -19.82
N THR D 75 7.83 35.14 -19.61
CA THR D 75 6.76 35.45 -18.66
C THR D 75 5.44 35.55 -19.43
N TRP D 76 4.41 34.96 -18.87
CA TRP D 76 3.14 34.80 -19.57
C TRP D 76 2.08 35.71 -18.95
N LEU D 77 1.31 36.35 -19.82
CA LEU D 77 0.13 37.12 -19.44
C LEU D 77 -1.10 36.23 -19.54
N VAL D 78 -2.12 36.57 -18.77
CA VAL D 78 -3.32 35.74 -18.65
C VAL D 78 -4.51 36.50 -19.21
N LEU D 79 -5.17 35.91 -20.22
CA LEU D 79 -6.34 36.50 -20.84
C LEU D 79 -7.59 35.73 -20.41
N ASN D 80 -8.72 36.42 -20.41
CA ASN D 80 -9.99 35.80 -20.06
C ASN D 80 -11.11 36.56 -20.74
N VAL D 81 -12.03 35.82 -21.34
CA VAL D 81 -13.17 36.43 -22.03
C VAL D 81 -14.35 36.56 -21.06
N GLN D 90 -19.47 31.13 -19.72
CA GLN D 90 -19.69 29.94 -18.92
C GLN D 90 -18.52 28.95 -19.06
N ALA D 91 -18.42 28.01 -18.12
CA ALA D 91 -17.30 27.09 -18.06
C ALA D 91 -17.36 26.08 -19.21
N ALA D 92 -16.26 25.32 -19.35
CA ALA D 92 -16.05 24.43 -20.50
C ALA D 92 -16.37 25.15 -21.81
N GLY D 93 -15.72 26.30 -21.99
CA GLY D 93 -16.03 27.16 -23.13
C GLY D 93 -14.89 27.30 -24.11
N VAL D 94 -13.91 26.41 -24.05
CA VAL D 94 -12.78 26.47 -24.97
C VAL D 94 -13.26 26.49 -26.42
N THR D 95 -14.21 25.61 -26.76
CA THR D 95 -14.65 25.60 -28.16
C THR D 95 -15.50 26.82 -28.49
N LYS D 96 -16.10 27.48 -27.50
CA LYS D 96 -16.86 28.69 -27.78
C LYS D 96 -15.96 29.87 -28.16
N ILE D 97 -14.67 29.80 -27.88
CA ILE D 97 -13.73 30.83 -28.30
C ILE D 97 -12.76 30.33 -29.36
N ALA D 98 -13.03 29.17 -29.95
CA ALA D 98 -12.20 28.66 -31.03
C ALA D 98 -12.13 29.65 -32.18
N ARG D 99 -13.28 30.18 -32.62
CA ARG D 99 -13.28 31.06 -33.77
C ARG D 99 -12.87 32.48 -33.42
N SER D 100 -13.18 32.95 -32.21
CA SER D 100 -12.93 34.34 -31.87
C SER D 100 -11.52 34.59 -31.35
N VAL D 101 -10.93 33.62 -30.64
CA VAL D 101 -9.67 33.84 -29.94
C VAL D 101 -8.60 32.87 -30.42
N ILE D 102 -8.87 31.56 -30.30
CA ILE D 102 -7.82 30.57 -30.50
C ILE D 102 -7.34 30.56 -31.95
N ALA D 103 -8.27 30.49 -32.91
CA ALA D 103 -7.84 30.50 -34.31
C ALA D 103 -7.18 31.80 -34.72
N PRO D 104 -7.69 32.99 -34.38
CA PRO D 104 -6.97 34.22 -34.75
C PRO D 104 -5.58 34.32 -34.15
N LEU D 105 -5.40 33.95 -32.89
CA LEU D 105 -4.07 33.99 -32.31
C LEU D 105 -3.12 33.06 -33.06
N ALA D 106 -3.60 31.85 -33.38
CA ALA D 106 -2.75 30.91 -34.13
C ALA D 106 -2.39 31.47 -35.49
N GLU D 107 -3.35 32.09 -36.18
CA GLU D 107 -3.10 32.60 -37.52
C GLU D 107 -2.05 33.71 -37.51
N HIS D 108 -1.93 34.45 -36.40
CA HIS D 108 -0.95 35.51 -36.27
C HIS D 108 0.28 35.05 -35.48
N HIS D 109 0.48 33.73 -35.35
CA HIS D 109 1.69 33.14 -34.79
C HIS D 109 1.92 33.59 -33.35
N VAL D 110 0.83 33.67 -32.58
CA VAL D 110 0.89 33.85 -31.13
C VAL D 110 0.70 32.49 -30.48
N SER D 111 1.75 31.99 -29.85
CA SER D 111 1.69 30.71 -29.15
C SER D 111 0.98 30.89 -27.81
N VAL D 112 0.13 29.93 -27.45
CA VAL D 112 -0.65 30.05 -26.22
C VAL D 112 -0.39 28.84 -25.32
N LEU D 113 -0.79 28.98 -24.05
CA LEU D 113 -1.00 27.87 -23.13
C LEU D 113 -2.41 28.01 -22.56
N MET D 114 -3.15 26.89 -22.50
CA MET D 114 -4.52 26.90 -22.04
C MET D 114 -4.59 26.40 -20.60
N LEU D 115 -5.44 27.04 -19.81
CA LEU D 115 -5.71 26.55 -18.46
C LEU D 115 -7.21 26.74 -18.22
N SER D 116 -7.98 25.73 -18.56
CA SER D 116 -9.38 25.68 -18.18
C SER D 116 -9.49 25.33 -16.71
N THR D 117 -10.45 25.94 -16.03
CA THR D 117 -10.75 25.63 -14.64
C THR D 117 -12.25 25.45 -14.49
N TYR D 118 -12.66 25.01 -13.30
CA TYR D 118 -14.07 24.90 -12.98
C TYR D 118 -14.82 26.21 -13.30
N GLN D 119 -14.19 27.36 -12.99
CA GLN D 119 -14.89 28.63 -13.07
C GLN D 119 -14.83 29.28 -14.44
N THR D 120 -13.72 29.16 -15.17
CA THR D 120 -13.56 29.90 -16.41
C THR D 120 -12.42 29.30 -17.23
N ASP D 121 -12.13 29.90 -18.38
CA ASP D 121 -11.06 29.44 -19.26
C ASP D 121 -10.02 30.53 -19.39
N PHE D 122 -8.79 30.25 -18.97
CA PHE D 122 -7.68 31.18 -19.09
C PHE D 122 -6.85 30.84 -20.32
N ILE D 123 -6.42 31.86 -21.05
CA ILE D 123 -5.51 31.71 -22.17
C ILE D 123 -4.25 32.49 -21.85
N LEU D 124 -3.11 31.80 -21.77
CA LEU D 124 -1.85 32.45 -21.47
C LEU D 124 -1.08 32.72 -22.76
N VAL D 125 -0.48 33.92 -22.85
CA VAL D 125 0.34 34.31 -23.99
C VAL D 125 1.64 34.90 -23.44
N ARG D 126 2.72 34.72 -24.19
CA ARG D 126 3.99 35.30 -23.78
C ARG D 126 3.94 36.81 -23.87
N GLU D 127 4.55 37.47 -22.87
CA GLU D 127 4.43 38.92 -22.74
C GLU D 127 4.84 39.65 -24.01
N GLN D 128 5.83 39.13 -24.73
CA GLN D 128 6.31 39.79 -25.94
C GLN D 128 5.27 39.87 -27.04
N ASP D 129 4.22 39.05 -26.98
CA ASP D 129 3.21 39.02 -28.03
C ASP D 129 2.02 39.93 -27.74
N LEU D 130 2.09 40.74 -26.67
CA LEU D 130 0.92 41.45 -26.21
C LEU D 130 0.35 42.38 -27.27
N SER D 131 1.22 43.08 -28.01
CA SER D 131 0.70 44.02 -29.00
C SER D 131 0.03 43.31 -30.16
N VAL D 132 0.53 42.12 -30.55
CA VAL D 132 -0.13 41.36 -31.59
C VAL D 132 -1.48 40.85 -31.10
N VAL D 133 -1.54 40.41 -29.84
CA VAL D 133 -2.81 39.94 -29.26
C VAL D 133 -3.86 41.05 -29.31
N ILE D 134 -3.50 42.26 -28.86
CA ILE D 134 -4.44 43.38 -28.87
C ILE D 134 -4.88 43.69 -30.30
N HIS D 135 -3.90 43.80 -31.20
CA HIS D 135 -4.22 44.10 -32.60
C HIS D 135 -5.11 43.01 -33.20
N THR D 136 -4.87 41.75 -32.84
CA THR D 136 -5.63 40.65 -33.41
C THR D 136 -7.06 40.63 -32.91
N LEU D 137 -7.26 40.86 -31.62
CA LEU D 137 -8.57 40.67 -30.99
C LEU D 137 -9.36 41.95 -30.84
N ALA D 138 -8.80 43.11 -31.22
CA ALA D 138 -9.50 44.38 -31.00
C ALA D 138 -10.73 44.52 -31.89
N GLN D 139 -10.76 43.83 -33.03
CA GLN D 139 -11.91 43.94 -33.93
C GLN D 139 -13.16 43.37 -33.29
N GLU D 140 -13.12 42.11 -32.88
CA GLU D 140 -14.29 41.43 -32.34
C GLU D 140 -14.46 41.60 -30.84
N PHE D 141 -13.45 42.12 -30.14
CA PHE D 141 -13.48 42.20 -28.68
C PHE D 141 -13.20 43.62 -28.22
N ASP D 142 -13.97 44.07 -27.24
CA ASP D 142 -13.62 45.25 -26.46
C ASP D 142 -12.71 44.80 -25.32
N ILE D 143 -11.46 45.26 -25.35
CA ILE D 143 -10.40 44.72 -24.52
C ILE D 143 -10.16 45.64 -23.33
N TYR D 144 -10.10 45.05 -22.13
CA TYR D 144 -9.85 45.79 -20.91
C TYR D 144 -8.69 45.14 -20.18
N ARG D 145 -7.98 45.95 -19.39
CA ARG D 145 -6.82 45.47 -18.64
C ARG D 145 -7.05 45.72 -17.15
N GLU D 146 -6.88 44.67 -16.35
CA GLU D 146 -7.05 44.77 -14.91
C GLU D 146 -5.84 45.44 -14.28
N VAL D 147 -6.03 46.63 -13.72
CA VAL D 147 -4.99 47.31 -12.96
C VAL D 147 -5.60 47.80 -11.65
N GLY D 148 -4.94 47.48 -10.53
CA GLY D 148 -5.45 47.82 -9.22
C GLY D 148 -6.71 47.08 -8.82
N GLY D 149 -7.26 46.22 -9.68
CA GLY D 149 -8.52 45.55 -9.43
C GLY D 149 -9.67 46.04 -10.28
N GLU D 150 -9.50 47.15 -11.00
CA GLU D 150 -10.57 47.67 -11.82
C GLU D 150 -10.28 47.42 -13.31
N PRO D 151 -11.32 47.31 -14.14
CA PRO D 151 -11.10 47.25 -15.58
C PRO D 151 -10.70 48.62 -16.12
N VAL D 152 -9.69 48.63 -16.99
CA VAL D 152 -9.23 49.83 -17.65
C VAL D 152 -9.22 49.56 -19.15
N PRO D 153 -9.97 50.31 -19.96
CA PRO D 153 -9.92 50.12 -21.41
C PRO D 153 -8.50 50.24 -21.94
N VAL D 154 -8.22 49.50 -23.00
CA VAL D 154 -6.92 49.60 -23.67
C VAL D 154 -7.08 50.17 -25.07
N PRO D 170 9.26 27.39 -36.06
CA PRO D 170 8.64 26.11 -35.70
C PRO D 170 7.45 25.78 -36.61
N SER D 171 7.73 25.13 -37.74
CA SER D 171 6.64 24.74 -38.63
C SER D 171 5.75 23.74 -37.91
N PRO D 172 4.43 23.88 -37.97
CA PRO D 172 3.54 22.99 -37.23
C PRO D 172 3.68 21.53 -37.68
N THR D 173 3.47 20.63 -36.73
CA THR D 173 3.53 19.20 -37.02
C THR D 173 2.22 18.55 -36.62
N VAL D 174 2.04 17.31 -37.04
CA VAL D 174 0.87 16.52 -36.66
C VAL D 174 1.15 15.89 -35.30
N HIS D 175 0.16 15.96 -34.41
CA HIS D 175 0.33 15.48 -33.04
C HIS D 175 -0.63 14.34 -32.78
N PRO D 176 -0.14 13.18 -32.36
CA PRO D 176 -1.05 12.05 -32.12
C PRO D 176 -1.94 12.35 -30.93
N ILE D 177 -3.09 11.68 -30.90
CA ILE D 177 -4.02 11.86 -29.79
C ILE D 177 -4.33 10.50 -29.21
N GLN D 178 -4.66 10.49 -27.92
CA GLN D 178 -4.87 9.25 -27.20
C GLN D 178 -5.91 9.54 -26.13
N SER D 179 -6.85 8.63 -25.90
CA SER D 179 -7.87 8.82 -24.87
CA SER D 179 -7.84 8.83 -24.84
C SER D 179 -7.77 7.71 -23.83
N PRO D 180 -7.12 7.94 -22.69
CA PRO D 180 -7.13 6.94 -21.63
C PRO D 180 -8.55 6.76 -21.12
N GLN D 181 -8.79 5.62 -20.47
CA GLN D 181 -10.15 5.27 -20.07
C GLN D 181 -10.64 5.99 -18.82
N ASN D 182 -9.78 6.72 -18.11
CA ASN D 182 -10.18 7.39 -16.87
C ASN D 182 -11.38 8.29 -17.08
N ARG D 183 -12.29 8.29 -16.12
CA ARG D 183 -13.41 9.21 -16.07
C ARG D 183 -13.00 10.37 -15.17
N PHE D 184 -13.04 11.58 -15.70
CA PHE D 184 -12.54 12.73 -14.95
C PHE D 184 -13.70 13.58 -14.47
N CYS D 185 -13.54 14.10 -13.25
CA CYS D 185 -14.46 15.02 -12.62
C CYS D 185 -13.81 16.39 -12.59
N VAL D 186 -14.60 17.43 -12.78
CA VAL D 186 -14.15 18.79 -12.68
C VAL D 186 -14.91 19.42 -11.53
N LEU D 187 -14.18 19.81 -10.48
CA LEU D 187 -14.74 20.04 -9.16
C LEU D 187 -14.30 21.38 -8.62
N THR D 188 -15.05 21.87 -7.64
CA THR D 188 -14.68 23.01 -6.84
C THR D 188 -14.89 22.68 -5.37
N LEU D 189 -14.56 23.65 -4.52
CA LEU D 189 -14.56 23.43 -3.09
C LEU D 189 -14.70 24.79 -2.43
N ASP D 190 -15.44 24.83 -1.34
CA ASP D 190 -15.45 26.01 -0.49
C ASP D 190 -14.10 26.08 0.22
N PRO D 191 -13.33 27.15 0.07
CA PRO D 191 -11.98 27.19 0.66
C PRO D 191 -11.98 26.98 2.16
N GLU D 192 -13.05 27.37 2.85
CA GLU D 192 -13.18 27.11 4.28
C GLU D 192 -13.17 25.62 4.60
N THR D 193 -13.53 24.76 3.63
CA THR D 193 -13.48 23.32 3.84
C THR D 193 -12.18 22.70 3.36
N LEU D 194 -11.28 23.48 2.77
CA LEU D 194 -10.02 22.93 2.30
C LEU D 194 -9.24 22.20 3.39
N PRO D 195 -9.17 22.68 4.64
CA PRO D 195 -8.43 21.91 5.64
C PRO D 195 -9.00 20.51 5.86
N ALA D 196 -10.29 20.30 5.59
CA ALA D 196 -10.88 19.00 5.85
C ALA D 196 -10.38 17.93 4.87
N ILE D 197 -9.93 18.33 3.68
CA ILE D 197 -9.40 17.38 2.69
C ILE D 197 -7.88 17.44 2.61
N ALA D 198 -7.22 18.13 3.54
CA ALA D 198 -5.80 18.42 3.35
C ALA D 198 -4.96 17.15 3.37
N THR D 199 -5.17 16.28 4.37
CA THR D 199 -4.30 15.12 4.46
C THR D 199 -4.50 14.18 3.28
N THR D 200 -5.74 14.05 2.81
CA THR D 200 -5.98 13.22 1.63
C THR D 200 -5.33 13.84 0.40
N LEU D 201 -5.53 15.14 0.18
CA LEU D 201 -4.94 15.83 -0.96
C LEU D 201 -3.41 15.76 -0.90
N ILE D 202 -2.84 15.90 0.30
CA ILE D 202 -1.39 15.80 0.44
C ILE D 202 -0.90 14.41 0.08
N ASP D 203 -1.61 13.39 0.55
CA ASP D 203 -1.24 12.00 0.25
C ASP D 203 -1.35 11.73 -1.25
N VAL D 204 -2.41 12.24 -1.89
CA VAL D 204 -2.57 12.05 -3.33
C VAL D 204 -1.43 12.72 -4.10
N LEU D 205 -1.06 13.94 -3.74
CA LEU D 205 -0.11 14.70 -4.53
C LEU D 205 1.33 14.31 -4.25
N PHE D 206 1.69 14.04 -3.00
CA PHE D 206 3.09 13.97 -2.61
C PHE D 206 3.57 12.59 -2.22
N TYR D 207 2.68 11.63 -1.97
CA TYR D 207 3.11 10.36 -1.42
C TYR D 207 2.57 9.14 -2.14
N SER D 208 1.73 9.31 -3.15
CA SER D 208 1.00 8.20 -3.75
C SER D 208 1.74 7.48 -4.88
N HIS D 209 2.91 7.97 -5.29
CA HIS D 209 3.69 7.26 -6.29
C HIS D 209 5.18 7.33 -6.00
N PRO D 222 -1.37 -0.12 -20.56
CA PRO D 222 -1.63 1.17 -19.91
C PRO D 222 -2.62 2.02 -20.70
N SER D 223 -3.90 1.67 -20.60
CA SER D 223 -4.97 2.45 -21.20
C SER D 223 -5.53 3.50 -20.25
N SER D 224 -4.86 3.72 -19.13
CA SER D 224 -5.22 4.71 -18.13
C SER D 224 -4.06 5.70 -17.97
N ILE D 225 -4.28 6.77 -17.21
CA ILE D 225 -3.27 7.81 -17.04
C ILE D 225 -3.37 8.39 -15.64
N THR D 226 -2.23 8.75 -15.09
CA THR D 226 -2.17 9.54 -13.86
C THR D 226 -2.31 11.01 -14.23
N PHE D 227 -3.39 11.65 -13.78
CA PHE D 227 -3.60 13.06 -14.05
C PHE D 227 -4.41 13.66 -12.92
N PHE D 228 -3.91 14.76 -12.35
CA PHE D 228 -4.58 15.42 -11.24
C PHE D 228 -4.21 16.88 -11.33
N ALA D 229 -5.20 17.77 -11.33
CA ALA D 229 -4.94 19.19 -11.41
C ALA D 229 -5.59 19.89 -10.23
N PHE D 230 -4.89 20.85 -9.66
CA PHE D 230 -5.40 21.71 -8.61
C PHE D 230 -4.98 23.12 -8.96
N SER D 231 -5.93 24.05 -8.92
CA SER D 231 -5.59 25.46 -9.09
C SER D 231 -6.30 26.31 -8.05
N LEU D 232 -5.61 27.37 -7.65
CA LEU D 232 -6.13 28.35 -6.72
C LEU D 232 -5.79 29.68 -7.37
N ILE D 233 -6.81 30.33 -7.95
CA ILE D 233 -6.61 31.53 -8.76
C ILE D 233 -7.60 32.58 -8.29
N GLU D 234 -7.07 33.71 -7.81
CA GLU D 234 -7.89 34.80 -7.26
C GLU D 234 -8.88 34.28 -6.23
N GLY D 235 -8.45 33.30 -5.43
CA GLY D 235 -9.27 32.76 -4.37
C GLY D 235 -10.21 31.63 -4.75
N TYR D 236 -10.28 31.26 -6.03
CA TYR D 236 -11.18 30.20 -6.48
C TYR D 236 -10.41 28.91 -6.66
N ILE D 237 -10.95 27.82 -6.09
CA ILE D 237 -10.33 26.49 -6.17
C ILE D 237 -10.94 25.72 -7.34
N SER D 238 -10.09 25.06 -8.12
CA SER D 238 -10.55 24.17 -9.17
C SER D 238 -9.73 22.90 -9.12
N ILE D 239 -10.41 21.76 -9.25
CA ILE D 239 -9.75 20.46 -9.15
C ILE D 239 -10.24 19.56 -10.28
N VAL D 240 -9.31 18.88 -10.94
CA VAL D 240 -9.62 17.84 -11.90
C VAL D 240 -9.02 16.55 -11.36
N MET D 241 -9.86 15.53 -11.19
CA MET D 241 -9.38 14.27 -10.67
C MET D 241 -10.19 13.11 -11.23
N ASP D 242 -9.53 11.95 -11.24
CA ASP D 242 -10.07 10.63 -11.51
C ASP D 242 -11.30 10.36 -10.67
N ALA D 243 -12.35 9.78 -11.28
CA ALA D 243 -13.49 9.36 -10.49
C ALA D 243 -13.08 8.37 -9.41
N GLU D 244 -12.08 7.53 -9.68
CA GLU D 244 -11.65 6.56 -8.68
C GLU D 244 -10.86 7.25 -7.57
N THR D 245 -10.10 8.27 -7.93
CA THR D 245 -9.41 9.08 -6.92
C THR D 245 -10.41 9.83 -6.04
N GLN D 246 -11.51 10.32 -6.63
CA GLN D 246 -12.50 11.05 -5.85
C GLN D 246 -13.04 10.22 -4.69
N LYS D 247 -13.08 8.90 -4.82
CA LYS D 247 -13.65 8.11 -3.72
C LYS D 247 -12.71 8.02 -2.53
N LYS D 248 -11.46 8.46 -2.69
CA LYS D 248 -10.55 8.56 -1.56
C LYS D 248 -10.90 9.71 -0.63
N PHE D 249 -11.62 10.68 -1.10
CA PHE D 249 -11.86 11.93 -0.38
C PHE D 249 -13.11 11.81 0.50
N PRO D 250 -13.09 12.51 1.63
CA PRO D 250 -14.31 12.61 2.44
C PRO D 250 -15.48 13.07 1.59
N SER D 251 -16.65 12.49 1.86
CA SER D 251 -17.83 12.77 1.07
C SER D 251 -18.37 14.16 1.38
N ASP D 252 -19.22 14.66 0.47
CA ASP D 252 -20.02 15.87 0.62
C ASP D 252 -19.20 17.16 0.64
N LEU D 253 -17.91 17.10 0.31
CA LEU D 253 -17.08 18.30 0.28
C LEU D 253 -16.75 18.78 -1.13
N LEU D 254 -16.39 17.86 -2.03
CA LEU D 254 -16.12 18.24 -3.41
C LEU D 254 -17.42 18.60 -4.12
N LEU D 255 -17.43 19.74 -4.80
CA LEU D 255 -18.63 20.30 -5.40
C LEU D 255 -18.54 20.26 -6.92
N THR D 256 -19.59 19.73 -7.56
CA THR D 256 -19.61 19.61 -9.01
C THR D 256 -20.99 20.00 -9.53
N SER D 257 -21.07 20.14 -10.86
CA SER D 257 -22.32 20.39 -11.55
C SER D 257 -22.76 19.23 -12.43
N SER D 258 -21.97 18.15 -12.47
CA SER D 258 -22.22 17.06 -13.40
C SER D 258 -23.59 16.44 -13.13
N SER D 259 -24.40 16.35 -14.19
CA SER D 259 -25.68 15.65 -14.14
C SER D 259 -25.51 14.14 -14.10
N GLY D 260 -24.27 13.65 -14.15
CA GLY D 260 -24.01 12.24 -14.29
C GLY D 260 -22.86 12.01 -15.27
N GLU D 261 -22.85 12.77 -16.36
CA GLU D 261 -21.86 12.56 -17.41
C GLU D 261 -20.55 13.24 -17.03
N LEU D 262 -19.50 12.44 -16.85
CA LEU D 262 -18.17 12.95 -16.57
C LEU D 262 -17.42 13.17 -17.88
N TRP D 263 -16.09 13.26 -17.82
CA TRP D 263 -15.27 13.71 -18.94
C TRP D 263 -14.20 12.68 -19.27
N ARG D 264 -13.95 12.48 -20.55
CA ARG D 264 -12.82 11.68 -20.99
C ARG D 264 -11.72 12.63 -21.44
N MET D 265 -10.48 12.26 -21.17
CA MET D 265 -9.34 13.05 -21.61
C MET D 265 -8.91 12.66 -23.02
N VAL D 266 -8.54 13.66 -23.82
CA VAL D 266 -7.79 13.43 -25.05
C VAL D 266 -6.43 14.07 -24.84
N ARG D 267 -5.39 13.24 -24.78
CA ARG D 267 -4.02 13.73 -24.62
C ARG D 267 -3.43 13.96 -26.00
N ILE D 268 -2.77 15.10 -26.17
CA ILE D 268 -2.31 15.59 -27.47
C ILE D 268 -0.79 15.72 -27.45
N GLY D 269 -0.12 15.10 -28.43
CA GLY D 269 1.33 15.16 -28.58
C GLY D 269 1.98 13.79 -28.34
N GLY D 270 3.07 13.54 -29.06
CA GLY D 270 3.81 12.29 -28.96
C GLY D 270 5.22 12.49 -28.46
N GLN D 271 5.60 13.75 -28.33
CA GLN D 271 6.84 14.17 -27.70
C GLN D 271 6.60 15.58 -27.18
N PRO D 272 7.44 16.07 -26.26
CA PRO D 272 7.17 17.37 -25.63
C PRO D 272 6.92 18.46 -26.66
N LEU D 273 5.86 19.23 -26.43
CA LEU D 273 5.37 20.18 -27.42
C LEU D 273 6.07 21.53 -27.39
N GLY D 274 6.84 21.82 -26.34
CA GLY D 274 7.50 23.12 -26.28
C GLY D 274 6.51 24.28 -26.13
N PHE D 275 7.04 25.48 -26.35
CA PHE D 275 6.27 26.69 -26.15
C PHE D 275 6.20 27.59 -27.37
N ASP D 276 6.78 27.17 -28.49
CA ASP D 276 6.86 28.01 -29.68
C ASP D 276 5.88 27.63 -30.77
N GLU D 277 5.55 26.36 -30.93
CA GLU D 277 4.70 25.97 -32.03
C GLU D 277 3.27 26.45 -31.76
N CYS D 278 2.69 27.16 -32.71
CA CYS D 278 1.31 27.61 -32.62
C CYS D 278 0.37 26.65 -33.34
N GLY D 279 -0.93 26.84 -33.11
CA GLY D 279 -1.97 26.16 -33.83
C GLY D 279 -2.37 24.80 -33.31
N ILE D 280 -1.79 24.35 -32.19
CA ILE D 280 -2.12 23.03 -31.66
C ILE D 280 -3.53 23.04 -31.06
N VAL D 281 -3.78 23.97 -30.13
CA VAL D 281 -5.12 24.14 -29.56
C VAL D 281 -6.15 24.36 -30.67
N ALA D 282 -5.79 25.15 -31.69
CA ALA D 282 -6.74 25.51 -32.74
C ALA D 282 -7.20 24.28 -33.51
N GLN D 283 -6.31 23.31 -33.70
CA GLN D 283 -6.66 22.11 -34.45
C GLN D 283 -7.50 21.13 -33.62
N ILE D 284 -7.61 21.36 -32.31
CA ILE D 284 -8.49 20.58 -31.45
C ILE D 284 -9.81 21.31 -31.22
N ALA D 285 -9.73 22.56 -30.78
CA ALA D 285 -10.93 23.32 -30.41
C ALA D 285 -11.77 23.66 -31.64
N GLY D 286 -11.15 23.96 -32.77
CA GLY D 286 -11.86 24.31 -33.99
C GLY D 286 -12.82 23.23 -34.45
N PRO D 287 -12.31 22.00 -34.66
CA PRO D 287 -13.21 20.91 -35.07
C PRO D 287 -14.26 20.57 -34.02
N LEU D 288 -13.92 20.66 -32.73
CA LEU D 288 -14.91 20.39 -31.70
C LEU D 288 -16.00 21.45 -31.71
N ALA D 289 -15.62 22.71 -31.95
CA ALA D 289 -16.60 23.78 -32.08
C ALA D 289 -17.56 23.50 -33.22
N ALA D 290 -17.03 23.09 -34.38
CA ALA D 290 -17.89 22.82 -35.53
C ALA D 290 -18.86 21.67 -35.26
N ALA D 291 -18.50 20.76 -34.36
CA ALA D 291 -19.38 19.65 -33.99
C ALA D 291 -20.24 19.96 -32.77
N ASP D 292 -20.17 21.19 -32.23
CA ASP D 292 -20.92 21.61 -31.06
C ASP D 292 -20.68 20.69 -29.87
N ILE D 293 -19.42 20.40 -29.61
CA ILE D 293 -19.00 19.62 -28.46
C ILE D 293 -18.18 20.53 -27.55
N SER D 294 -18.56 20.59 -26.27
CA SER D 294 -17.84 21.41 -25.30
C SER D 294 -16.58 20.69 -24.82
N ALA D 295 -15.63 21.47 -24.31
CA ALA D 295 -14.39 20.88 -23.82
C ALA D 295 -13.70 21.82 -22.85
N TYR D 296 -13.05 21.23 -21.84
CA TYR D 296 -12.00 21.90 -21.08
C TYR D 296 -10.68 21.62 -21.78
N TYR D 297 -9.70 22.48 -21.56
CA TYR D 297 -8.41 22.29 -22.19
C TYR D 297 -7.32 22.73 -21.22
N ILE D 298 -6.38 21.83 -20.94
CA ILE D 298 -5.31 22.10 -19.98
C ILE D 298 -3.98 21.80 -20.64
N SER D 299 -3.13 22.82 -20.74
CA SER D 299 -1.76 22.63 -21.19
C SER D 299 -0.88 22.31 -19.98
N THR D 300 -0.06 21.27 -20.10
CA THR D 300 1.02 21.05 -19.16
C THR D 300 2.35 21.42 -19.82
N PHE D 301 3.45 21.23 -19.08
CA PHE D 301 4.74 21.65 -19.58
C PHE D 301 5.06 20.97 -20.90
N ASN D 302 4.63 19.73 -21.06
CA ASN D 302 5.03 18.92 -22.22
C ASN D 302 3.90 18.58 -23.18
N PHE D 303 2.66 18.49 -22.70
CA PHE D 303 1.57 17.97 -23.51
C PHE D 303 0.33 18.83 -23.33
N ASP D 304 -0.63 18.64 -24.25
CA ASP D 304 -1.93 19.30 -24.13
C ASP D 304 -2.98 18.25 -23.78
N HIS D 305 -4.06 18.70 -23.13
CA HIS D 305 -5.09 17.78 -22.65
C HIS D 305 -6.44 18.41 -22.85
N ALA D 306 -7.32 17.74 -23.60
CA ALA D 306 -8.70 18.19 -23.75
C ALA D 306 -9.60 17.24 -22.99
N LEU D 307 -10.58 17.79 -22.27
CA LEU D 307 -11.59 17.01 -21.57
C LEU D 307 -12.91 17.19 -22.32
N VAL D 308 -13.51 16.07 -22.74
CA VAL D 308 -14.76 16.10 -23.50
C VAL D 308 -15.78 15.22 -22.81
N PRO D 309 -17.07 15.43 -23.07
CA PRO D 309 -18.09 14.59 -22.44
C PRO D 309 -17.88 13.11 -22.74
N GLU D 310 -17.94 12.30 -21.68
CA GLU D 310 -17.49 10.90 -21.77
C GLU D 310 -18.34 10.08 -22.73
N ASP D 311 -19.65 10.37 -22.81
CA ASP D 311 -20.52 9.55 -23.66
C ASP D 311 -20.33 9.85 -25.14
N GLY D 312 -19.56 10.88 -25.49
CA GLY D 312 -19.33 11.16 -26.90
C GLY D 312 -17.89 10.99 -27.36
N ILE D 313 -17.11 10.16 -26.68
CA ILE D 313 -15.68 10.04 -26.98
C ILE D 313 -15.47 9.48 -28.38
N GLY D 314 -16.33 8.56 -28.81
CA GLY D 314 -16.19 8.04 -30.17
C GLY D 314 -16.35 9.14 -31.20
N SER D 315 -17.36 9.99 -31.01
CA SER D 315 -17.57 11.10 -31.95
C SER D 315 -16.40 12.09 -31.92
N VAL D 316 -15.90 12.40 -30.72
CA VAL D 316 -14.79 13.34 -30.58
C VAL D 316 -13.57 12.85 -31.35
N ILE D 317 -13.21 11.58 -31.18
CA ILE D 317 -12.05 11.04 -31.89
C ILE D 317 -12.28 11.09 -33.39
N GLU D 318 -13.50 10.80 -33.84
CA GLU D 318 -13.79 10.90 -35.27
C GLU D 318 -13.63 12.33 -35.77
N VAL D 319 -14.14 13.29 -35.00
CA VAL D 319 -14.05 14.70 -35.38
C VAL D 319 -12.59 15.14 -35.46
N LEU D 320 -11.77 14.69 -34.51
CA LEU D 320 -10.38 15.11 -34.45
C LEU D 320 -9.51 14.42 -35.49
N GLN D 321 -9.89 13.23 -35.96
CA GLN D 321 -9.12 12.55 -37.01
C GLN D 321 -9.59 12.91 -38.40
N ARG D 322 -10.66 13.68 -38.54
CA ARG D 322 -11.24 13.95 -39.86
C ARG D 322 -10.21 14.54 -40.82
N ARG D 323 -9.25 15.31 -40.32
CA ARG D 323 -8.14 15.82 -41.12
C ARG D 323 -8.62 16.62 -42.34
#